data_3GKB
#
_entry.id   3GKB
#
_cell.length_a   58.461
_cell.length_b   87.502
_cell.length_c   154.447
_cell.angle_alpha   90.000
_cell.angle_beta   90.000
_cell.angle_gamma   90.000
#
_symmetry.space_group_name_H-M   'P 21 21 21'
#
loop_
_entity.id
_entity.type
_entity.pdbx_description
1 polymer 'Putative enoyl-CoA hydratase'
2 non-polymer GLYCEROL
3 water water
#
_entity_poly.entity_id   1
_entity_poly.type   'polypeptide(L)'
_entity_poly.pdbx_seq_one_letter_code
;MSLRNDAYSTLRVSSEHGVARIILDNPPVNVIGATMMRELRTVLTTLADDSSVRVIVFSSADPEFFLAHVDMRIGEKMDA
LQELAASAPADVNVFQAVGELIRHQPQVTIVKLAGKARGGGAEFVAAADMAFAAAETAGLGQIEALMGIIPGGGGTQYLR
GRVGRNRALEVVLTADLFDAETAASYGWINRALPADELDEYVDRVARNIAALPDGVIEAAKRSLPADDLKEGLLGENDAW
AATFSLPAAQQLISGGLKDGAQTPAGERDLEGLMRSVAREGHHHHHH
;
_entity_poly.pdbx_strand_id   A,B,C
#
loop_
_chem_comp.id
_chem_comp.type
_chem_comp.name
_chem_comp.formula
GOL non-polymer GLYCEROL 'C3 H8 O3'
#
# COMPACT_ATOMS: atom_id res chain seq x y z
N ALA A 7 -38.63 12.57 2.02
CA ALA A 7 -37.90 13.66 2.72
C ALA A 7 -37.22 13.11 3.98
N TYR A 8 -35.99 13.58 4.18
CA TYR A 8 -35.18 13.18 5.29
C TYR A 8 -34.80 14.48 5.98
N SER A 9 -34.52 14.41 7.27
CA SER A 9 -34.15 15.61 7.98
C SER A 9 -32.64 15.93 7.97
N THR A 10 -31.80 14.94 7.64
CA THR A 10 -30.33 15.15 7.66
C THR A 10 -29.64 14.91 6.33
N LEU A 11 -30.41 14.61 5.29
CA LEU A 11 -29.94 14.13 3.98
C LEU A 11 -30.87 14.69 2.90
N ARG A 12 -30.31 14.96 1.72
CA ARG A 12 -31.11 15.21 0.52
C ARG A 12 -30.73 14.15 -0.48
N VAL A 13 -31.70 13.44 -1.04
CA VAL A 13 -31.41 12.37 -1.98
C VAL A 13 -32.07 12.64 -3.34
N SER A 14 -31.33 12.46 -4.42
CA SER A 14 -31.90 12.51 -5.77
C SER A 14 -31.17 11.52 -6.66
N SER A 15 -31.66 11.34 -7.87
CA SER A 15 -30.93 10.54 -8.83
C SER A 15 -31.25 10.90 -10.27
N GLU A 16 -30.26 10.69 -11.12
CA GLU A 16 -30.43 10.79 -12.55
C GLU A 16 -29.30 10.04 -13.24
N HIS A 17 -29.57 9.59 -14.47
CA HIS A 17 -28.60 8.87 -15.30
C HIS A 17 -27.83 7.77 -14.53
N GLY A 18 -28.55 7.09 -13.64
CA GLY A 18 -28.01 5.94 -12.92
C GLY A 18 -27.12 6.30 -11.74
N VAL A 19 -27.06 7.58 -11.37
CA VAL A 19 -26.26 8.07 -10.24
C VAL A 19 -27.19 8.73 -9.21
N ALA A 20 -27.20 8.19 -8.00
CA ALA A 20 -27.86 8.82 -6.83
C ALA A 20 -26.88 9.74 -6.13
N ARG A 21 -27.37 10.92 -5.74
CA ARG A 21 -26.59 11.85 -4.94
C ARG A 21 -27.17 11.82 -3.55
N ILE A 22 -26.31 11.66 -2.54
CA ILE A 22 -26.74 11.82 -1.16
C ILE A 22 -25.96 13.02 -0.62
N ILE A 23 -26.70 14.09 -0.29
CA ILE A 23 -26.10 15.31 0.21
C ILE A 23 -26.34 15.34 1.69
N LEU A 24 -25.24 15.37 2.45
CA LEU A 24 -25.29 15.36 3.88
C LEU A 24 -25.57 16.81 4.44
N ASP A 25 -26.57 16.94 5.30
CA ASP A 25 -27.07 18.26 5.69
C ASP A 25 -27.66 18.20 7.07
N ASN A 26 -26.79 18.33 8.07
CA ASN A 26 -27.20 18.28 9.45
C ASN A 26 -26.57 19.44 10.25
N PRO A 27 -27.13 20.66 10.11
CA PRO A 27 -26.49 21.81 10.79
C PRO A 27 -26.43 21.68 12.31
N PRO A 28 -25.50 22.39 12.97
CA PRO A 28 -24.61 23.39 12.35
C PRO A 28 -23.27 22.90 11.79
N VAL A 29 -22.82 21.68 12.08
CA VAL A 29 -21.51 21.22 11.62
C VAL A 29 -21.51 19.78 11.04
N ASN A 30 -22.67 19.27 10.66
CA ASN A 30 -22.76 17.93 10.08
C ASN A 30 -22.23 16.83 10.98
N VAL A 31 -22.61 16.85 12.27
CA VAL A 31 -22.31 15.68 13.12
C VAL A 31 -23.14 14.48 12.64
N ILE A 32 -22.65 13.28 12.94
CA ILE A 32 -23.42 12.05 12.68
C ILE A 32 -24.14 11.76 13.99
N GLY A 33 -25.45 12.03 14.04
CA GLY A 33 -26.22 11.75 15.22
C GLY A 33 -27.13 10.55 14.96
N ALA A 34 -27.91 10.19 15.97
CA ALA A 34 -28.81 9.04 15.83
C ALA A 34 -29.79 9.16 14.66
N THR A 35 -30.32 10.37 14.41
CA THR A 35 -31.25 10.57 13.30
C THR A 35 -30.58 10.24 11.97
N MET A 36 -29.38 10.79 11.73
CA MET A 36 -28.69 10.56 10.50
C MET A 36 -28.37 9.06 10.34
N MET A 37 -27.99 8.40 11.44
CA MET A 37 -27.69 6.96 11.36
C MET A 37 -28.91 6.14 10.88
N ARG A 38 -30.08 6.49 11.40
CA ARG A 38 -31.33 5.85 11.05
C ARG A 38 -31.70 6.16 9.61
N GLU A 39 -31.60 7.42 9.23
CA GLU A 39 -31.92 7.81 7.82
C GLU A 39 -31.00 7.18 6.75
N LEU A 40 -29.70 7.13 7.01
CA LEU A 40 -28.74 6.47 6.18
C LEU A 40 -29.09 5.00 6.01
N ARG A 41 -29.44 4.28 7.10
CA ARG A 41 -29.88 2.87 6.96
CA ARG A 41 -29.87 2.87 6.96
C ARG A 41 -31.06 2.77 6.02
N THR A 42 -32.04 3.65 6.19
CA THR A 42 -33.23 3.58 5.35
C THR A 42 -32.91 3.86 3.87
N VAL A 43 -32.18 4.95 3.62
CA VAL A 43 -31.90 5.39 2.25
C VAL A 43 -31.01 4.42 1.51
N LEU A 44 -29.96 3.95 2.16
CA LEU A 44 -29.04 3.01 1.49
C LEU A 44 -29.67 1.62 1.29
N THR A 45 -30.50 1.19 2.23
CA THR A 45 -31.24 -0.07 2.05
C THR A 45 -32.25 0.04 0.88
N THR A 46 -32.96 1.15 0.79
CA THR A 46 -33.87 1.41 -0.33
C THR A 46 -33.11 1.42 -1.66
N LEU A 47 -32.04 2.20 -1.73
CA LEU A 47 -31.23 2.26 -2.96
C LEU A 47 -30.58 0.93 -3.39
N ALA A 48 -30.22 0.07 -2.44
CA ALA A 48 -29.58 -1.21 -2.69
C ALA A 48 -30.41 -2.09 -3.61
N ASP A 49 -31.74 -1.96 -3.58
CA ASP A 49 -32.60 -2.76 -4.45
C ASP A 49 -33.14 -2.00 -5.68
N ASP A 50 -32.66 -0.77 -5.89
CA ASP A 50 -33.12 0.09 -6.99
C ASP A 50 -32.26 -0.14 -8.23
N SER A 51 -32.84 -0.85 -9.21
CA SER A 51 -32.18 -1.18 -10.47
C SER A 51 -31.82 0.05 -11.32
N SER A 52 -32.46 1.19 -11.10
CA SER A 52 -32.14 2.40 -11.86
C SER A 52 -30.84 3.08 -11.33
N VAL A 53 -30.32 2.66 -10.18
CA VAL A 53 -29.17 3.34 -9.54
C VAL A 53 -27.98 2.38 -9.49
N ARG A 54 -26.87 2.83 -10.08
CA ARG A 54 -25.62 2.05 -10.23
CA ARG A 54 -25.67 1.99 -10.13
C ARG A 54 -24.48 2.58 -9.36
N VAL A 55 -24.54 3.88 -9.03
CA VAL A 55 -23.48 4.60 -8.38
C VAL A 55 -24.16 5.57 -7.38
N ILE A 56 -23.57 5.69 -6.20
CA ILE A 56 -24.04 6.61 -5.17
C ILE A 56 -22.87 7.55 -4.84
N VAL A 57 -23.11 8.86 -4.95
CA VAL A 57 -22.10 9.87 -4.64
C VAL A 57 -22.55 10.63 -3.41
N PHE A 58 -21.70 10.59 -2.38
CA PHE A 58 -21.89 11.35 -1.17
C PHE A 58 -21.13 12.68 -1.21
N SER A 59 -21.83 13.76 -0.89
CA SER A 59 -21.21 15.06 -0.69
C SER A 59 -21.90 15.78 0.44
N SER A 60 -21.36 16.94 0.79
CA SER A 60 -21.86 17.72 1.94
C SER A 60 -22.44 19.09 1.57
N ALA A 61 -23.57 19.44 2.16
CA ALA A 61 -24.12 20.80 2.05
C ALA A 61 -23.43 21.85 2.93
N ASP A 62 -22.60 21.42 3.89
CA ASP A 62 -21.91 22.36 4.78
C ASP A 62 -20.60 22.80 4.09
N PRO A 63 -20.35 24.11 4.03
CA PRO A 63 -19.19 24.58 3.29
C PRO A 63 -17.86 24.41 4.02
N GLU A 64 -17.87 23.92 5.26
CA GLU A 64 -16.61 23.63 5.96
C GLU A 64 -16.38 22.15 6.30
N PHE A 65 -17.45 21.42 6.58
CA PHE A 65 -17.38 20.09 7.16
C PHE A 65 -18.13 19.11 6.29
N PHE A 66 -17.48 17.99 5.99
CA PHE A 66 -18.15 16.86 5.36
C PHE A 66 -19.05 16.16 6.38
N LEU A 67 -18.43 15.57 7.40
CA LEU A 67 -19.08 15.02 8.59
C LEU A 67 -18.11 15.30 9.73
N ALA A 68 -18.53 16.09 10.71
CA ALA A 68 -17.62 16.56 11.74
C ALA A 68 -16.99 15.44 12.54
N HIS A 69 -17.84 14.49 12.93
CA HIS A 69 -17.56 13.39 13.84
C HIS A 69 -18.94 12.92 14.38
N VAL A 70 -18.97 11.89 15.18
CA VAL A 70 -20.20 11.47 15.83
C VAL A 70 -20.65 12.55 16.86
N ASP A 71 -21.95 12.82 16.90
CA ASP A 71 -22.55 13.75 17.89
C ASP A 71 -22.05 13.40 19.31
N MET A 72 -21.39 14.35 19.95
CA MET A 72 -20.83 14.16 21.28
C MET A 72 -21.93 14.07 22.36
N ARG A 73 -23.13 14.50 22.00
CA ARG A 73 -24.33 14.39 22.86
C ARG A 73 -25.24 13.19 22.54
N ILE A 74 -24.74 12.26 21.73
CA ILE A 74 -25.57 11.11 21.29
C ILE A 74 -25.98 10.20 22.47
N GLY A 75 -25.17 10.18 23.52
CA GLY A 75 -25.46 9.41 24.74
C GLY A 75 -26.49 10.03 25.66
N GLU A 76 -26.85 11.28 25.41
CA GLU A 76 -27.90 11.97 26.15
C GLU A 76 -29.29 11.43 25.80
N LYS A 77 -29.42 10.80 24.64
CA LYS A 77 -30.69 10.20 24.19
C LYS A 77 -30.44 8.75 23.90
N MET A 78 -30.24 7.99 24.96
CA MET A 78 -29.76 6.64 24.78
C MET A 78 -30.78 5.78 24.02
N ASP A 79 -32.08 6.11 24.10
CA ASP A 79 -33.07 5.18 23.53
C ASP A 79 -32.98 5.05 22.00
N ALA A 80 -32.80 6.16 21.28
CA ALA A 80 -32.64 6.06 19.82
C ALA A 80 -31.35 5.27 19.48
N LEU A 81 -30.28 5.50 20.23
CA LEU A 81 -28.99 4.82 19.93
C LEU A 81 -29.11 3.32 20.24
N GLN A 82 -29.81 3.03 21.32
CA GLN A 82 -30.01 1.64 21.74
CA GLN A 82 -30.03 1.65 21.76
C GLN A 82 -30.84 0.84 20.73
N GLU A 83 -31.84 1.48 20.11
CA GLU A 83 -32.63 0.82 19.08
C GLU A 83 -31.74 0.51 17.87
N LEU A 84 -30.91 1.47 17.46
CA LEU A 84 -29.96 1.23 16.37
C LEU A 84 -28.96 0.10 16.72
N ALA A 85 -28.48 0.07 17.98
CA ALA A 85 -27.56 -0.96 18.40
C ALA A 85 -28.20 -2.34 18.35
N ALA A 86 -29.46 -2.42 18.79
CA ALA A 86 -30.21 -3.70 18.80
C ALA A 86 -30.44 -4.27 17.40
N SER A 87 -30.43 -3.42 16.39
CA SER A 87 -30.68 -3.85 15.05
C SER A 87 -29.41 -3.88 14.20
N ALA A 88 -28.23 -3.64 14.81
CA ALA A 88 -26.95 -3.71 14.08
C ALA A 88 -26.63 -5.16 13.64
N PRO A 89 -25.81 -5.32 12.59
CA PRO A 89 -25.46 -6.68 12.18
C PRO A 89 -24.73 -7.44 13.26
N ALA A 90 -24.76 -8.76 13.22
CA ALA A 90 -23.96 -9.58 14.13
C ALA A 90 -22.49 -9.16 14.11
N ASP A 91 -21.90 -9.04 15.30
CA ASP A 91 -20.45 -8.78 15.50
C ASP A 91 -19.98 -7.43 15.00
N VAL A 92 -20.93 -6.52 14.78
CA VAL A 92 -20.66 -5.15 14.39
C VAL A 92 -21.34 -4.23 15.41
N ASN A 93 -20.59 -3.31 16.01
CA ASN A 93 -21.19 -2.37 16.95
C ASN A 93 -21.99 -1.28 16.21
N VAL A 94 -22.72 -0.49 16.99
CA VAL A 94 -23.65 0.46 16.38
C VAL A 94 -22.97 1.56 15.53
N PHE A 95 -21.74 1.93 15.89
CA PHE A 95 -20.96 2.92 15.16
C PHE A 95 -20.31 2.33 13.94
N GLN A 96 -19.76 1.13 14.09
CA GLN A 96 -19.18 0.40 12.97
C GLN A 96 -20.24 0.09 11.92
N ALA A 97 -21.50 -0.04 12.32
CA ALA A 97 -22.56 -0.39 11.39
C ALA A 97 -22.72 0.66 10.26
N VAL A 98 -22.35 1.91 10.54
CA VAL A 98 -22.40 2.95 9.48
C VAL A 98 -21.43 2.60 8.36
N GLY A 99 -20.15 2.48 8.69
CA GLY A 99 -19.17 2.15 7.68
C GLY A 99 -19.42 0.79 7.02
N GLU A 100 -19.94 -0.16 7.79
CA GLU A 100 -20.12 -1.50 7.30
C GLU A 100 -21.26 -1.52 6.28
N LEU A 101 -22.29 -0.70 6.49
CA LEU A 101 -23.40 -0.59 5.53
C LEU A 101 -22.85 -0.03 4.20
N ILE A 102 -22.07 1.04 4.29
CA ILE A 102 -21.41 1.63 3.12
C ILE A 102 -20.50 0.58 2.44
N ARG A 103 -19.66 -0.11 3.20
CA ARG A 103 -18.71 -1.09 2.63
C ARG A 103 -19.34 -2.22 1.84
N HIS A 104 -20.56 -2.59 2.20
CA HIS A 104 -21.25 -3.72 1.57
C HIS A 104 -22.35 -3.33 0.57
N GLN A 105 -22.50 -2.02 0.34
CA GLN A 105 -23.50 -1.51 -0.61
C GLN A 105 -23.27 -2.11 -1.99
N PRO A 106 -24.35 -2.46 -2.71
CA PRO A 106 -24.10 -3.04 -4.03
C PRO A 106 -23.59 -2.06 -5.11
N GLN A 107 -24.13 -0.84 -5.11
CA GLN A 107 -23.67 0.21 -6.00
C GLN A 107 -22.24 0.57 -5.70
N VAL A 108 -21.55 1.10 -6.69
CA VAL A 108 -20.28 1.79 -6.42
C VAL A 108 -20.54 3.03 -5.58
N THR A 109 -19.84 3.15 -4.47
CA THR A 109 -20.01 4.27 -3.56
C THR A 109 -18.78 5.20 -3.72
N ILE A 110 -19.06 6.48 -3.91
CA ILE A 110 -18.02 7.49 -4.12
C ILE A 110 -18.23 8.63 -3.14
N VAL A 111 -17.16 9.00 -2.44
CA VAL A 111 -17.21 10.17 -1.57
C VAL A 111 -16.50 11.32 -2.28
N LYS A 112 -17.17 12.46 -2.34
CA LYS A 112 -16.58 13.72 -2.80
C LYS A 112 -16.33 14.60 -1.57
N LEU A 113 -15.06 14.71 -1.18
CA LEU A 113 -14.64 15.33 0.07
C LEU A 113 -14.06 16.72 -0.22
N ALA A 114 -14.82 17.76 0.10
CA ALA A 114 -14.41 19.14 -0.12
C ALA A 114 -13.84 19.76 1.15
N GLY A 115 -14.37 19.37 2.31
CA GLY A 115 -14.01 19.95 3.58
C GLY A 115 -13.42 18.96 4.55
N LYS A 116 -13.65 19.22 5.84
CA LYS A 116 -13.06 18.43 6.91
C LYS A 116 -13.96 17.29 7.36
N ALA A 117 -13.36 16.12 7.61
CA ALA A 117 -14.07 14.96 8.15
C ALA A 117 -13.19 14.40 9.25
N ARG A 118 -13.73 14.29 10.46
CA ARG A 118 -13.02 13.69 11.58
C ARG A 118 -13.81 12.58 12.26
N GLY A 119 -13.06 11.72 12.95
CA GLY A 119 -13.66 10.64 13.72
C GLY A 119 -14.50 9.73 12.85
N GLY A 120 -15.74 9.54 13.28
CA GLY A 120 -16.70 8.78 12.50
C GLY A 120 -16.91 9.30 11.09
N GLY A 121 -16.68 10.59 10.89
CA GLY A 121 -16.72 11.19 9.58
C GLY A 121 -15.61 10.69 8.68
N ALA A 122 -14.41 10.59 9.23
CA ALA A 122 -13.27 10.05 8.52
C ALA A 122 -13.45 8.53 8.25
N GLU A 123 -14.10 7.83 9.18
CA GLU A 123 -14.43 6.41 9.01
C GLU A 123 -15.36 6.22 7.80
N PHE A 124 -16.38 7.06 7.72
CA PHE A 124 -17.36 7.09 6.63
C PHE A 124 -16.64 7.31 5.28
N VAL A 125 -15.73 8.28 5.22
CA VAL A 125 -14.98 8.55 3.99
C VAL A 125 -14.17 7.31 3.53
N ALA A 126 -13.49 6.69 4.48
CA ALA A 126 -12.63 5.54 4.20
C ALA A 126 -13.39 4.27 3.83
N ALA A 127 -14.64 4.17 4.26
CA ALA A 127 -15.50 3.00 4.00
C ALA A 127 -16.05 2.91 2.56
N ALA A 128 -16.15 4.06 1.88
CA ALA A 128 -16.69 4.06 0.52
C ALA A 128 -15.74 3.36 -0.43
N ASP A 129 -16.26 2.86 -1.55
CA ASP A 129 -15.40 2.22 -2.55
C ASP A 129 -14.26 3.16 -3.00
N MET A 130 -14.58 4.43 -3.21
CA MET A 130 -13.57 5.42 -3.61
C MET A 130 -13.86 6.79 -3.01
N ALA A 131 -12.80 7.56 -2.78
CA ALA A 131 -12.92 8.89 -2.18
C ALA A 131 -11.96 9.80 -2.94
N PHE A 132 -12.50 10.92 -3.41
CA PHE A 132 -11.72 11.96 -4.10
C PHE A 132 -11.89 13.25 -3.32
N ALA A 133 -10.76 13.93 -3.09
CA ALA A 133 -10.76 15.06 -2.17
C ALA A 133 -10.15 16.30 -2.80
N ALA A 134 -10.64 17.47 -2.36
CA ALA A 134 -10.09 18.77 -2.81
C ALA A 134 -8.78 19.09 -2.15
N ALA A 135 -7.74 19.27 -2.95
CA ALA A 135 -6.38 19.40 -2.43
C ALA A 135 -6.23 20.60 -1.47
N GLU A 136 -6.85 21.74 -1.81
CA GLU A 136 -6.66 22.95 -1.03
C GLU A 136 -7.48 23.02 0.24
N THR A 137 -8.60 22.29 0.30
CA THR A 137 -9.62 22.51 1.33
C THR A 137 -9.99 21.31 2.22
N ALA A 138 -9.79 20.09 1.71
CA ALA A 138 -10.18 18.88 2.44
C ALA A 138 -9.21 18.54 3.56
N GLY A 139 -9.73 17.89 4.58
CA GLY A 139 -8.96 17.42 5.72
C GLY A 139 -9.55 16.14 6.29
N LEU A 140 -8.70 15.21 6.72
CA LEU A 140 -9.12 13.94 7.32
C LEU A 140 -8.36 13.76 8.61
N GLY A 141 -9.06 13.51 9.71
CA GLY A 141 -8.38 13.14 10.94
C GLY A 141 -9.16 12.21 11.85
N GLN A 142 -8.45 11.38 12.61
CA GLN A 142 -9.06 10.59 13.69
C GLN A 142 -8.87 11.32 15.02
N ILE A 143 -9.89 12.06 15.42
CA ILE A 143 -9.85 12.92 16.62
C ILE A 143 -10.01 12.11 17.92
N GLU A 144 -10.43 10.85 17.78
CA GLU A 144 -10.83 10.00 18.93
C GLU A 144 -9.81 10.00 20.08
N ALA A 145 -8.51 9.87 19.74
CA ALA A 145 -7.44 9.77 20.78
C ALA A 145 -7.48 10.99 21.71
N LEU A 146 -7.83 12.13 21.13
CA LEU A 146 -7.92 13.40 21.92
C LEU A 146 -9.16 13.50 22.81
N MET A 147 -10.13 12.63 22.56
CA MET A 147 -11.30 12.56 23.38
C MET A 147 -11.15 11.36 24.36
N GLY A 148 -9.94 10.77 24.43
CA GLY A 148 -9.65 9.69 25.37
C GLY A 148 -10.10 8.33 24.95
N ILE A 149 -10.37 8.13 23.66
CA ILE A 149 -10.82 6.83 23.14
C ILE A 149 -9.97 6.51 21.88
N ILE A 150 -10.34 5.46 21.16
CA ILE A 150 -9.77 5.19 19.85
C ILE A 150 -10.96 5.14 18.88
N PRO A 151 -10.71 5.12 17.57
CA PRO A 151 -11.82 4.97 16.64
C PRO A 151 -12.60 3.68 16.91
N GLY A 152 -13.91 3.79 17.08
CA GLY A 152 -14.72 2.64 17.37
C GLY A 152 -15.77 2.34 16.34
N GLY A 153 -15.64 2.95 15.16
CA GLY A 153 -16.54 2.72 14.04
C GLY A 153 -15.87 2.12 12.82
N GLY A 154 -14.77 1.37 13.01
CA GLY A 154 -14.11 0.64 11.92
C GLY A 154 -12.82 1.31 11.50
N GLY A 155 -12.61 2.54 11.93
CA GLY A 155 -11.48 3.35 11.48
C GLY A 155 -10.13 2.71 11.65
N THR A 156 -9.90 2.04 12.78
CA THR A 156 -8.59 1.37 12.98
C THR A 156 -8.37 0.32 11.88
N GLN A 157 -9.44 -0.40 11.52
CA GLN A 157 -9.30 -1.48 10.55
C GLN A 157 -9.34 -0.99 9.11
N TYR A 158 -10.16 0.04 8.83
CA TYR A 158 -10.12 0.70 7.51
C TYR A 158 -8.74 1.28 7.22
N LEU A 159 -8.15 1.94 8.21
CA LEU A 159 -6.79 2.49 8.08
C LEU A 159 -5.78 1.34 7.94
N ARG A 160 -5.91 0.31 8.77
CA ARG A 160 -4.94 -0.76 8.66
C ARG A 160 -4.88 -1.32 7.23
N GLY A 161 -6.05 -1.54 6.67
CA GLY A 161 -6.18 -2.04 5.31
C GLY A 161 -5.66 -1.09 4.24
N ARG A 162 -6.01 0.18 4.36
CA ARG A 162 -5.69 1.19 3.35
C ARG A 162 -4.28 1.77 3.43
N VAL A 163 -3.78 1.97 4.62
CA VAL A 163 -2.49 2.68 4.79
C VAL A 163 -1.42 1.82 5.43
N GLY A 164 -1.77 0.66 5.95
CA GLY A 164 -0.85 -0.20 6.72
C GLY A 164 -0.80 0.16 8.20
N ARG A 165 -0.41 -0.82 9.02
CA ARG A 165 -0.36 -0.59 10.46
C ARG A 165 0.51 0.59 10.93
N ASN A 166 1.67 0.81 10.32
CA ASN A 166 2.57 1.88 10.75
C ASN A 166 1.92 3.25 10.59
N ARG A 167 1.40 3.52 9.40
CA ARG A 167 0.70 4.76 9.17
C ARG A 167 -0.63 4.81 9.93
N ALA A 168 -1.27 3.66 10.18
CA ALA A 168 -2.54 3.64 10.91
C ALA A 168 -2.33 4.08 12.36
N LEU A 169 -1.25 3.59 12.99
CA LEU A 169 -0.89 4.02 14.34
C LEU A 169 -0.57 5.52 14.40
N GLU A 170 0.16 6.00 13.39
CA GLU A 170 0.45 7.41 13.26
C GLU A 170 -0.84 8.25 13.18
N VAL A 171 -1.74 7.86 12.31
CA VAL A 171 -2.99 8.64 12.15
C VAL A 171 -3.79 8.63 13.44
N VAL A 172 -3.91 7.46 14.06
CA VAL A 172 -4.72 7.31 15.27
C VAL A 172 -4.12 8.06 16.46
N LEU A 173 -2.80 7.95 16.66
CA LEU A 173 -2.21 8.46 17.90
C LEU A 173 -1.77 9.92 17.79
N THR A 174 -1.32 10.37 16.61
CA THR A 174 -1.04 11.80 16.42
C THR A 174 -2.36 12.57 16.43
N ALA A 175 -3.45 11.95 16.00
CA ALA A 175 -4.76 12.61 15.92
C ALA A 175 -4.75 13.92 15.12
N ASP A 176 -3.79 14.08 14.23
CA ASP A 176 -3.71 15.34 13.50
C ASP A 176 -4.62 15.33 12.29
N LEU A 177 -4.95 16.53 11.83
CA LEU A 177 -5.76 16.66 10.61
C LEU A 177 -4.84 16.53 9.40
N PHE A 178 -5.06 15.50 8.58
CA PHE A 178 -4.22 15.24 7.39
C PHE A 178 -4.78 16.01 6.22
N ASP A 179 -3.91 16.63 5.44
CA ASP A 179 -4.39 17.25 4.20
C ASP A 179 -4.65 16.22 3.13
N ALA A 180 -5.26 16.66 2.05
CA ALA A 180 -5.68 15.76 0.99
C ALA A 180 -4.51 15.07 0.34
N GLU A 181 -3.47 15.84 0.07
CA GLU A 181 -2.27 15.35 -0.56
C GLU A 181 -1.60 14.20 0.23
N THR A 182 -1.49 14.37 1.54
CA THR A 182 -0.91 13.35 2.43
C THR A 182 -1.83 12.12 2.57
N ALA A 183 -3.14 12.37 2.72
CA ALA A 183 -4.11 11.27 2.77
C ALA A 183 -4.04 10.40 1.50
N ALA A 184 -3.94 11.04 0.34
CA ALA A 184 -3.86 10.31 -0.93
C ALA A 184 -2.55 9.54 -1.03
N SER A 185 -1.44 10.18 -0.67
CA SER A 185 -0.15 9.50 -0.69
CA SER A 185 -0.15 9.47 -0.73
C SER A 185 -0.15 8.25 0.18
N TYR A 186 -0.79 8.35 1.35
CA TYR A 186 -0.91 7.24 2.30
C TYR A 186 -1.83 6.12 1.79
N GLY A 187 -2.74 6.45 0.89
CA GLY A 187 -3.78 5.55 0.42
C GLY A 187 -5.07 5.57 1.22
N TRP A 188 -5.22 6.54 2.12
CA TRP A 188 -6.44 6.71 2.95
C TRP A 188 -7.64 7.10 2.08
N ILE A 189 -7.36 7.89 1.04
CA ILE A 189 -8.28 8.20 -0.05
C ILE A 189 -7.65 7.82 -1.40
N ASN A 190 -8.45 7.85 -2.45
CA ASN A 190 -7.97 7.48 -3.75
C ASN A 190 -7.09 8.55 -4.42
N ARG A 191 -7.53 9.80 -4.40
CA ARG A 191 -6.88 10.86 -5.13
C ARG A 191 -7.25 12.23 -4.54
N ALA A 192 -6.29 13.15 -4.63
CA ALA A 192 -6.48 14.56 -4.32
C ALA A 192 -6.47 15.31 -5.63
N LEU A 193 -7.46 16.18 -5.83
CA LEU A 193 -7.64 16.93 -7.07
C LEU A 193 -7.80 18.41 -6.75
N PRO A 194 -7.48 19.31 -7.69
CA PRO A 194 -7.80 20.71 -7.39
C PRO A 194 -9.26 20.96 -7.07
N ALA A 195 -9.53 21.81 -6.12
CA ALA A 195 -10.88 22.08 -5.66
C ALA A 195 -11.80 22.52 -6.83
N ASP A 196 -11.26 23.27 -7.79
CA ASP A 196 -12.05 23.72 -8.94
C ASP A 196 -12.23 22.69 -10.06
N GLU A 197 -11.68 21.50 -9.87
CA GLU A 197 -11.83 20.38 -10.82
C GLU A 197 -12.56 19.17 -10.22
N LEU A 198 -12.76 19.18 -8.91
CA LEU A 198 -13.23 18.01 -8.18
C LEU A 198 -14.63 17.66 -8.61
N ASP A 199 -15.50 18.67 -8.74
CA ASP A 199 -16.89 18.39 -9.07
C ASP A 199 -17.00 17.69 -10.45
N GLU A 200 -16.27 18.24 -11.44
CA GLU A 200 -16.26 17.67 -12.78
C GLU A 200 -15.63 16.28 -12.82
N TYR A 201 -14.55 16.11 -12.07
CA TYR A 201 -13.82 14.84 -11.99
C TYR A 201 -14.74 13.74 -11.47
N VAL A 202 -15.43 14.01 -10.35
CA VAL A 202 -16.33 13.05 -9.73
C VAL A 202 -17.56 12.77 -10.61
N ASP A 203 -18.14 13.81 -11.20
CA ASP A 203 -19.27 13.63 -12.11
C ASP A 203 -18.90 12.75 -13.30
N ARG A 204 -17.72 12.97 -13.88
CA ARG A 204 -17.28 12.17 -15.03
C ARG A 204 -17.10 10.69 -14.65
N VAL A 205 -16.40 10.43 -13.56
CA VAL A 205 -16.22 9.06 -13.06
C VAL A 205 -17.59 8.39 -12.79
N ALA A 206 -18.46 9.11 -12.08
CA ALA A 206 -19.79 8.58 -11.70
C ALA A 206 -20.60 8.23 -12.97
N ARG A 207 -20.66 9.15 -13.94
CA ARG A 207 -21.37 8.88 -15.20
C ARG A 207 -20.76 7.73 -15.98
N ASN A 208 -19.44 7.66 -16.02
CA ASN A 208 -18.77 6.60 -16.78
C ASN A 208 -19.02 5.20 -16.21
N ILE A 209 -19.03 5.12 -14.88
CA ILE A 209 -19.33 3.84 -14.21
C ILE A 209 -20.80 3.48 -14.35
N ALA A 210 -21.70 4.46 -14.24
CA ALA A 210 -23.15 4.21 -14.40
C ALA A 210 -23.48 3.76 -15.84
N ALA A 211 -22.64 4.15 -16.80
CA ALA A 211 -22.88 3.82 -18.19
C ALA A 211 -22.41 2.43 -18.54
N LEU A 212 -21.69 1.76 -17.64
CA LEU A 212 -21.19 0.41 -17.95
C LEU A 212 -22.36 -0.54 -18.14
N PRO A 213 -22.20 -1.53 -19.04
CA PRO A 213 -23.30 -2.45 -19.27
C PRO A 213 -23.67 -3.29 -18.06
N ASP A 214 -24.88 -3.81 -18.11
CA ASP A 214 -25.46 -4.62 -17.06
C ASP A 214 -24.48 -5.69 -16.62
N GLY A 215 -24.34 -5.87 -15.31
CA GLY A 215 -23.52 -6.95 -14.78
C GLY A 215 -22.04 -6.67 -14.56
N VAL A 216 -21.52 -5.58 -15.12
CA VAL A 216 -20.07 -5.31 -14.96
C VAL A 216 -19.72 -4.92 -13.54
N ILE A 217 -20.51 -4.00 -12.96
CA ILE A 217 -20.24 -3.60 -11.56
C ILE A 217 -20.32 -4.82 -10.67
N GLU A 218 -21.39 -5.62 -10.86
CA GLU A 218 -21.61 -6.83 -10.07
C GLU A 218 -20.40 -7.78 -10.17
N ALA A 219 -19.91 -7.99 -11.39
CA ALA A 219 -18.74 -8.85 -11.65
C ALA A 219 -17.48 -8.34 -10.98
N ALA A 220 -17.21 -7.04 -11.10
CA ALA A 220 -16.07 -6.44 -10.42
C ALA A 220 -16.13 -6.66 -8.89
N LYS A 221 -17.28 -6.40 -8.28
CA LYS A 221 -17.42 -6.59 -6.82
C LYS A 221 -17.33 -8.05 -6.36
N ARG A 222 -17.79 -8.96 -7.20
CA ARG A 222 -17.60 -10.38 -6.96
C ARG A 222 -16.12 -10.75 -7.03
N SER A 223 -15.39 -10.22 -8.01
CA SER A 223 -13.93 -10.47 -8.12
C SER A 223 -13.06 -9.79 -7.06
N LEU A 224 -13.57 -8.68 -6.51
CA LEU A 224 -12.93 -7.88 -5.49
C LEU A 224 -13.85 -7.73 -4.26
N PRO A 225 -14.12 -8.85 -3.56
CA PRO A 225 -15.07 -8.78 -2.45
C PRO A 225 -14.55 -7.93 -1.30
N ALA A 226 -15.48 -7.37 -0.56
CA ALA A 226 -15.16 -6.62 0.65
C ALA A 226 -14.17 -7.39 1.54
N ASP A 227 -13.20 -6.67 2.07
CA ASP A 227 -12.20 -7.25 2.96
C ASP A 227 -12.90 -7.94 4.15
N ASP A 228 -12.34 -9.06 4.60
CA ASP A 228 -12.86 -9.75 5.77
C ASP A 228 -12.29 -9.04 7.00
N LEU A 229 -13.14 -8.34 7.76
CA LEU A 229 -12.65 -7.54 8.90
C LEU A 229 -13.25 -7.98 10.23
N LYS A 230 -13.85 -9.17 10.28
CA LYS A 230 -14.68 -9.54 11.40
C LYS A 230 -13.90 -9.53 12.72
N GLU A 231 -12.76 -10.22 12.72
CA GLU A 231 -11.95 -10.32 13.93
C GLU A 231 -11.38 -8.96 14.34
N GLY A 232 -10.95 -8.18 13.35
CA GLY A 232 -10.38 -6.86 13.57
C GLY A 232 -11.43 -5.91 14.14
N LEU A 233 -12.65 -5.97 13.64
CA LEU A 233 -13.72 -5.09 14.15
C LEU A 233 -14.08 -5.47 15.61
N LEU A 234 -14.13 -6.76 15.90
CA LEU A 234 -14.40 -7.21 17.28
C LEU A 234 -13.30 -6.74 18.23
N GLY A 235 -12.05 -6.82 17.79
CA GLY A 235 -10.91 -6.36 18.62
C GLY A 235 -10.92 -4.86 18.89
N GLU A 236 -11.24 -4.10 17.84
CA GLU A 236 -11.44 -2.65 17.96
C GLU A 236 -12.56 -2.30 18.91
N ASN A 237 -13.66 -3.02 18.79
CA ASN A 237 -14.79 -2.82 19.66
C ASN A 237 -14.36 -2.96 21.15
N ASP A 238 -13.65 -4.02 21.47
CA ASP A 238 -13.27 -4.28 22.87
C ASP A 238 -12.28 -3.23 23.35
N ALA A 239 -11.36 -2.82 22.46
CA ALA A 239 -10.39 -1.77 22.83
C ALA A 239 -11.09 -0.42 23.08
N TRP A 240 -12.06 -0.11 22.23
CA TRP A 240 -12.84 1.10 22.34
C TRP A 240 -13.67 1.12 23.60
N ALA A 241 -14.38 0.02 23.87
CA ALA A 241 -15.24 -0.04 25.08
C ALA A 241 -14.40 0.14 26.33
N ALA A 242 -13.19 -0.41 26.32
CA ALA A 242 -12.32 -0.33 27.48
C ALA A 242 -11.87 1.11 27.74
N THR A 243 -11.52 1.86 26.68
CA THR A 243 -11.13 3.25 26.85
C THR A 243 -12.29 4.16 27.24
N PHE A 244 -13.46 3.90 26.65
CA PHE A 244 -14.64 4.69 26.92
C PHE A 244 -15.06 4.57 28.37
N SER A 245 -14.69 3.47 29.02
CA SER A 245 -15.10 3.18 30.40
C SER A 245 -14.24 3.91 31.45
N LEU A 246 -13.09 4.44 31.03
CA LEU A 246 -12.17 5.13 31.94
C LEU A 246 -12.60 6.58 32.15
N PRO A 247 -12.14 7.21 33.23
CA PRO A 247 -12.64 8.57 33.55
C PRO A 247 -12.44 9.67 32.49
N ALA A 248 -11.31 9.65 31.78
CA ALA A 248 -10.98 10.77 30.91
C ALA A 248 -11.99 11.01 29.80
N ALA A 249 -12.56 9.93 29.25
CA ALA A 249 -13.42 10.06 28.07
C ALA A 249 -14.62 10.98 28.31
N GLN A 250 -15.44 10.69 29.31
CA GLN A 250 -16.59 11.58 29.56
C GLN A 250 -16.14 12.98 29.97
N GLN A 251 -15.06 13.10 30.72
CA GLN A 251 -14.53 14.44 31.12
C GLN A 251 -14.11 15.28 29.91
N LEU A 252 -13.43 14.63 28.96
CA LEU A 252 -12.97 15.32 27.76
C LEU A 252 -14.13 15.67 26.85
N ILE A 253 -15.10 14.76 26.73
CA ILE A 253 -16.23 15.01 25.85
C ILE A 253 -17.07 16.18 26.42
N SER A 254 -17.36 16.14 27.73
CA SER A 254 -18.06 17.24 28.39
C SER A 254 -17.34 18.57 28.34
N GLY A 255 -16.04 18.52 28.61
CA GLY A 255 -15.19 19.69 28.50
C GLY A 255 -15.10 20.28 27.10
N GLY A 256 -14.97 19.40 26.09
CA GLY A 256 -14.98 19.85 24.69
C GLY A 256 -16.28 20.60 24.36
N LEU A 257 -17.41 20.01 24.74
CA LEU A 257 -18.73 20.64 24.52
C LEU A 257 -18.81 22.01 25.23
N LYS A 258 -18.36 22.09 26.46
CA LYS A 258 -18.35 23.37 27.20
C LYS A 258 -17.48 24.42 26.49
N ASP A 259 -16.38 23.99 25.87
CA ASP A 259 -15.43 24.90 25.21
C ASP A 259 -15.70 25.16 23.71
N GLY A 260 -16.82 24.68 23.21
CA GLY A 260 -17.32 25.07 21.93
C GLY A 260 -17.25 23.99 20.86
N ALA A 261 -16.92 22.75 21.23
CA ALA A 261 -17.04 21.65 20.23
C ALA A 261 -18.48 21.57 19.67
N GLN A 262 -18.59 21.14 18.42
CA GLN A 262 -19.88 21.08 17.69
C GLN A 262 -20.49 22.43 17.38
N THR A 263 -19.64 23.46 17.39
CA THR A 263 -19.95 24.77 16.78
C THR A 263 -18.90 24.96 15.68
N PRO A 264 -19.22 25.75 14.64
CA PRO A 264 -18.18 25.88 13.62
C PRO A 264 -16.85 26.42 14.13
N ALA A 265 -16.87 27.37 15.06
CA ALA A 265 -15.62 27.95 15.58
C ALA A 265 -14.82 26.92 16.35
N GLY A 266 -15.50 26.06 17.11
CA GLY A 266 -14.81 24.98 17.85
C GLY A 266 -14.29 23.86 16.94
N GLU A 267 -15.02 23.55 15.88
CA GLU A 267 -14.67 22.45 14.96
C GLU A 267 -13.53 22.82 14.02
N ARG A 268 -13.32 24.12 13.72
CA ARG A 268 -12.26 24.54 12.79
C ARG A 268 -10.90 23.89 13.10
N ASP A 269 -10.42 24.13 14.33
CA ASP A 269 -9.19 23.53 14.87
C ASP A 269 -9.57 22.65 16.08
N LEU A 270 -10.40 21.64 15.81
CA LEU A 270 -10.83 20.74 16.90
C LEU A 270 -9.66 20.08 17.64
N GLU A 271 -8.57 19.76 16.93
CA GLU A 271 -7.40 19.15 17.57
C GLU A 271 -6.82 20.08 18.67
N GLY A 272 -6.59 21.34 18.33
CA GLY A 272 -6.06 22.32 19.30
C GLY A 272 -7.02 22.55 20.46
N LEU A 273 -8.31 22.62 20.16
CA LEU A 273 -9.33 22.75 21.21
C LEU A 273 -9.26 21.57 22.15
N MET A 274 -9.22 20.34 21.61
CA MET A 274 -9.26 19.16 22.53
C MET A 274 -7.96 19.01 23.34
N ARG A 275 -6.82 19.34 22.74
CA ARG A 275 -5.58 19.34 23.51
C ARG A 275 -5.60 20.37 24.65
N SER A 276 -6.24 21.50 24.43
CA SER A 276 -6.36 22.54 25.44
C SER A 276 -7.31 22.10 26.56
N VAL A 277 -8.38 21.39 26.20
CA VAL A 277 -9.31 20.87 27.21
C VAL A 277 -8.55 19.94 28.13
N ALA A 278 -7.72 19.07 27.57
CA ALA A 278 -6.98 18.09 28.39
C ALA A 278 -5.96 18.81 29.28
N ARG A 279 -5.29 19.83 28.74
CA ARG A 279 -4.31 20.60 29.54
C ARG A 279 -4.94 21.36 30.69
N GLU A 280 -6.11 21.92 30.45
CA GLU A 280 -6.83 22.65 31.48
C GLU A 280 -7.45 21.67 32.46
N TYR B 8 10.68 -16.71 -33.83
CA TYR B 8 9.34 -16.35 -33.30
C TYR B 8 8.72 -15.23 -34.12
N SER B 9 7.41 -15.29 -34.31
CA SER B 9 6.74 -14.36 -35.20
C SER B 9 6.25 -13.12 -34.48
N THR B 10 6.16 -13.15 -33.15
CA THR B 10 5.58 -12.03 -32.38
C THR B 10 6.55 -11.38 -31.38
N LEU B 11 7.75 -11.94 -31.29
CA LEU B 11 8.76 -11.46 -30.38
C LEU B 11 10.14 -11.92 -30.83
N ARG B 12 11.17 -11.30 -30.27
CA ARG B 12 12.57 -11.71 -30.43
C ARG B 12 13.23 -11.80 -29.07
N VAL B 13 14.14 -12.76 -28.93
CA VAL B 13 14.89 -12.91 -27.71
C VAL B 13 16.38 -12.92 -27.97
N SER B 14 17.13 -12.28 -27.10
CA SER B 14 18.57 -12.37 -27.11
C SER B 14 19.08 -12.35 -25.67
N SER B 15 20.24 -12.93 -25.44
CA SER B 15 20.76 -12.96 -24.11
C SER B 15 22.26 -12.89 -24.12
N GLU B 16 22.77 -12.24 -23.09
CA GLU B 16 24.19 -12.01 -22.94
C GLU B 16 24.41 -11.52 -21.53
N HIS B 17 25.56 -11.86 -20.97
CA HIS B 17 25.97 -11.38 -19.64
C HIS B 17 24.93 -11.70 -18.54
N GLY B 18 24.16 -12.76 -18.73
CA GLY B 18 23.16 -13.17 -17.75
C GLY B 18 21.80 -12.47 -17.86
N VAL B 19 21.63 -11.62 -18.88
CA VAL B 19 20.34 -10.91 -19.07
C VAL B 19 19.72 -11.33 -20.40
N ALA B 20 18.49 -11.87 -20.38
CA ALA B 20 17.73 -12.04 -21.62
C ALA B 20 16.82 -10.86 -21.87
N ARG B 21 16.76 -10.38 -23.10
CA ARG B 21 15.87 -9.29 -23.49
C ARG B 21 14.82 -9.88 -24.42
N ILE B 22 13.56 -9.72 -24.04
CA ILE B 22 12.46 -10.21 -24.86
C ILE B 22 11.78 -8.95 -25.40
N ILE B 23 11.81 -8.79 -26.71
CA ILE B 23 11.26 -7.61 -27.36
C ILE B 23 10.00 -8.04 -28.08
N LEU B 24 8.88 -7.43 -27.68
CA LEU B 24 7.57 -7.76 -28.18
C LEU B 24 7.31 -6.96 -29.46
N ASP B 25 6.95 -7.65 -30.54
CA ASP B 25 6.87 -7.06 -31.89
C ASP B 25 5.83 -7.80 -32.73
N ASN B 26 4.59 -7.33 -32.64
CA ASN B 26 3.46 -7.94 -33.33
C ASN B 26 2.61 -6.85 -33.95
N PRO B 27 3.03 -6.32 -35.10
CA PRO B 27 2.30 -5.25 -35.77
C PRO B 27 0.83 -5.55 -36.02
N PRO B 28 -0.02 -4.52 -36.07
CA PRO B 28 0.30 -3.08 -35.96
C PRO B 28 0.29 -2.45 -34.56
N VAL B 29 -0.26 -3.12 -33.54
CA VAL B 29 -0.38 -2.48 -32.22
C VAL B 29 0.01 -3.39 -31.05
N ASN B 30 0.74 -4.46 -31.33
CA ASN B 30 1.16 -5.41 -30.29
C ASN B 30 -0.01 -6.01 -29.53
N VAL B 31 -1.02 -6.46 -30.27
CA VAL B 31 -2.07 -7.24 -29.61
C VAL B 31 -1.47 -8.55 -29.14
N ILE B 32 -2.01 -9.08 -28.06
CA ILE B 32 -1.69 -10.41 -27.55
C ILE B 32 -2.69 -11.39 -28.14
N GLY B 33 -2.23 -12.10 -29.16
CA GLY B 33 -3.04 -13.13 -29.81
C GLY B 33 -2.61 -14.52 -29.35
N ALA B 34 -3.27 -15.52 -29.92
CA ALA B 34 -2.98 -16.91 -29.56
C ALA B 34 -1.54 -17.31 -29.87
N THR B 35 -1.02 -16.81 -31.00
CA THR B 35 0.35 -17.07 -31.38
C THR B 35 1.32 -16.49 -30.37
N MET B 36 1.12 -15.24 -29.95
CA MET B 36 2.02 -14.66 -28.93
C MET B 36 1.95 -15.43 -27.60
N MET B 37 0.75 -15.81 -27.19
CA MET B 37 0.56 -16.56 -25.96
C MET B 37 1.39 -17.86 -25.98
N ARG B 38 1.38 -18.54 -27.13
CA ARG B 38 2.12 -19.78 -27.27
C ARG B 38 3.63 -19.52 -27.30
N GLU B 39 4.05 -18.46 -27.99
CA GLU B 39 5.47 -18.14 -28.12
C GLU B 39 6.04 -17.67 -26.79
N LEU B 40 5.27 -16.89 -26.03
CA LEU B 40 5.67 -16.50 -24.68
C LEU B 40 5.90 -17.72 -23.79
N ARG B 41 4.99 -18.68 -23.84
CA ARG B 41 5.14 -19.90 -23.05
C ARG B 41 6.42 -20.63 -23.43
N THR B 42 6.64 -20.80 -24.73
CA THR B 42 7.86 -21.48 -25.22
C THR B 42 9.13 -20.80 -24.74
N VAL B 43 9.21 -19.48 -24.92
CA VAL B 43 10.41 -18.75 -24.58
C VAL B 43 10.66 -18.75 -23.06
N LEU B 44 9.62 -18.49 -22.27
CA LEU B 44 9.81 -18.47 -20.83
C LEU B 44 10.10 -19.84 -20.24
N THR B 45 9.45 -20.88 -20.77
CA THR B 45 9.69 -22.23 -20.29
C THR B 45 11.14 -22.64 -20.60
N THR B 46 11.63 -22.32 -21.80
CA THR B 46 13.01 -22.57 -22.17
C THR B 46 13.99 -21.80 -21.28
N LEU B 47 13.71 -20.53 -21.05
CA LEU B 47 14.59 -19.74 -20.18
C LEU B 47 14.63 -20.23 -18.75
N ALA B 48 13.50 -20.74 -18.23
CA ALA B 48 13.43 -21.21 -16.87
C ALA B 48 14.45 -22.34 -16.64
N ASP B 49 14.81 -23.06 -17.69
CA ASP B 49 15.81 -24.14 -17.60
C ASP B 49 17.21 -23.75 -18.06
N ASP B 50 17.44 -22.46 -18.30
CA ASP B 50 18.73 -21.94 -18.75
C ASP B 50 19.48 -21.32 -17.58
N SER B 51 20.48 -22.04 -17.06
CA SER B 51 21.22 -21.57 -15.92
C SER B 51 22.13 -20.37 -16.26
N SER B 52 22.34 -20.08 -17.55
CA SER B 52 23.13 -18.92 -17.96
C SER B 52 22.39 -17.58 -17.90
N VAL B 53 21.09 -17.60 -17.63
CA VAL B 53 20.25 -16.40 -17.63
C VAL B 53 19.66 -16.20 -16.23
N ARG B 54 19.89 -15.00 -15.70
CA ARG B 54 19.46 -14.65 -14.35
C ARG B 54 18.38 -13.54 -14.29
N VAL B 55 18.27 -12.75 -15.35
CA VAL B 55 17.35 -11.61 -15.42
C VAL B 55 16.71 -11.65 -16.78
N ILE B 56 15.42 -11.32 -16.84
CA ILE B 56 14.71 -11.16 -18.14
C ILE B 56 14.10 -9.76 -18.18
N VAL B 57 14.34 -9.02 -19.25
CA VAL B 57 13.76 -7.69 -19.43
C VAL B 57 12.82 -7.72 -20.64
N PHE B 58 11.58 -7.34 -20.41
CA PHE B 58 10.58 -7.25 -21.46
C PHE B 58 10.47 -5.81 -21.92
N SER B 59 10.50 -5.63 -23.23
CA SER B 59 10.31 -4.30 -23.82
C SER B 59 9.51 -4.44 -25.10
N SER B 60 9.08 -3.32 -25.66
CA SER B 60 8.34 -3.36 -26.92
C SER B 60 9.09 -2.73 -28.10
N ALA B 61 8.92 -3.30 -29.28
CA ALA B 61 9.39 -2.68 -30.53
C ALA B 61 8.41 -1.63 -31.09
N ASP B 62 7.19 -1.60 -30.57
CA ASP B 62 6.14 -0.70 -31.11
C ASP B 62 6.29 0.68 -30.46
N PRO B 63 6.36 1.75 -31.27
CA PRO B 63 6.62 3.07 -30.68
C PRO B 63 5.52 3.62 -29.75
N GLU B 64 4.29 3.09 -29.82
CA GLU B 64 3.19 3.63 -29.02
C GLU B 64 2.61 2.65 -28.01
N PHE B 65 2.67 1.35 -28.32
CA PHE B 65 2.05 0.28 -27.50
C PHE B 65 3.08 -0.72 -26.99
N PHE B 66 3.01 -1.02 -25.69
CA PHE B 66 3.76 -2.12 -25.11
C PHE B 66 3.06 -3.42 -25.51
N LEU B 67 1.81 -3.56 -25.04
CA LEU B 67 0.89 -4.64 -25.45
C LEU B 67 -0.51 -4.04 -25.41
N ALA B 68 -1.18 -4.01 -26.55
CA ALA B 68 -2.44 -3.28 -26.68
C ALA B 68 -3.50 -3.81 -25.74
N HIS B 69 -3.67 -5.14 -25.75
CA HIS B 69 -4.70 -5.92 -25.08
C HIS B 69 -4.78 -7.26 -25.81
N VAL B 70 -5.61 -8.17 -25.33
CA VAL B 70 -5.82 -9.45 -25.98
C VAL B 70 -6.60 -9.25 -27.29
N ASP B 71 -6.21 -10.01 -28.29
CA ASP B 71 -6.82 -9.97 -29.61
C ASP B 71 -8.33 -10.14 -29.48
N MET B 72 -9.05 -9.17 -29.98
CA MET B 72 -10.50 -9.16 -29.85
C MET B 72 -11.17 -10.24 -30.75
N ARG B 73 -10.40 -10.76 -31.70
CA ARG B 73 -10.85 -11.87 -32.55
C ARG B 73 -10.39 -13.24 -32.06
N ILE B 74 -9.82 -13.31 -30.85
CA ILE B 74 -9.26 -14.56 -30.36
C ILE B 74 -10.32 -15.69 -30.22
N GLY B 75 -11.58 -15.31 -30.08
CA GLY B 75 -12.66 -16.28 -29.90
C GLY B 75 -13.20 -16.82 -31.19
N GLU B 76 -12.72 -16.27 -32.31
CA GLU B 76 -13.15 -16.72 -33.64
C GLU B 76 -12.46 -18.04 -34.03
N LYS B 77 -11.31 -18.35 -33.42
CA LYS B 77 -10.63 -19.62 -33.63
C LYS B 77 -10.41 -20.34 -32.32
N MET B 78 -11.47 -21.00 -31.83
CA MET B 78 -11.43 -21.62 -30.52
C MET B 78 -10.43 -22.79 -30.44
N ASP B 79 -10.15 -23.43 -31.58
CA ASP B 79 -9.17 -24.51 -31.59
C ASP B 79 -7.76 -24.05 -31.12
N ALA B 80 -7.31 -22.88 -31.57
CA ALA B 80 -6.00 -22.37 -31.11
C ALA B 80 -6.09 -22.09 -29.62
N LEU B 81 -7.23 -21.56 -29.21
CA LEU B 81 -7.44 -21.22 -27.82
C LEU B 81 -7.63 -22.51 -26.99
N GLN B 82 -8.37 -23.49 -27.52
CA GLN B 82 -8.54 -24.77 -26.81
C GLN B 82 -7.19 -25.47 -26.52
N GLU B 83 -6.24 -25.37 -27.44
CA GLU B 83 -4.92 -25.98 -27.27
C GLU B 83 -4.12 -25.31 -26.14
N LEU B 84 -4.17 -23.98 -26.08
CA LEU B 84 -3.57 -23.21 -24.98
C LEU B 84 -4.25 -23.53 -23.66
N ALA B 85 -5.58 -23.60 -23.66
CA ALA B 85 -6.33 -23.80 -22.41
C ALA B 85 -6.03 -25.16 -21.80
N ALA B 86 -5.61 -26.11 -22.65
CA ALA B 86 -5.29 -27.48 -22.24
C ALA B 86 -3.96 -27.60 -21.53
N SER B 87 -3.03 -26.70 -21.81
CA SER B 87 -1.74 -26.61 -21.13
C SER B 87 -1.71 -25.65 -19.94
N ALA B 88 -2.81 -24.94 -19.68
CA ALA B 88 -2.86 -24.07 -18.50
C ALA B 88 -2.79 -24.83 -17.17
N PRO B 89 -2.14 -24.24 -16.14
CA PRO B 89 -2.06 -24.90 -14.83
C PRO B 89 -3.43 -25.08 -14.19
N ALA B 90 -3.47 -25.98 -13.21
CA ALA B 90 -4.70 -26.21 -12.44
C ALA B 90 -5.21 -24.89 -11.86
N ASP B 91 -6.52 -24.67 -11.95
CA ASP B 91 -7.19 -23.55 -11.27
C ASP B 91 -6.79 -22.17 -11.82
N VAL B 92 -6.28 -22.17 -13.05
CA VAL B 92 -5.84 -20.96 -13.73
C VAL B 92 -6.40 -21.05 -15.15
N ASN B 93 -7.13 -20.01 -15.58
CA ASN B 93 -7.66 -20.00 -16.94
C ASN B 93 -6.60 -19.63 -17.97
N VAL B 94 -6.97 -19.77 -19.23
CA VAL B 94 -6.03 -19.62 -20.37
C VAL B 94 -5.35 -18.23 -20.41
N PHE B 95 -6.08 -17.19 -19.99
CA PHE B 95 -5.56 -15.85 -19.96
C PHE B 95 -4.70 -15.57 -18.72
N GLN B 96 -5.18 -16.02 -17.56
CA GLN B 96 -4.41 -15.95 -16.33
C GLN B 96 -3.09 -16.69 -16.47
N ALA B 97 -3.03 -17.71 -17.35
CA ALA B 97 -1.80 -18.49 -17.51
C ALA B 97 -0.60 -17.65 -17.94
N VAL B 98 -0.82 -16.55 -18.68
CA VAL B 98 0.28 -15.65 -19.09
C VAL B 98 0.93 -14.97 -17.87
N GLY B 99 0.12 -14.20 -17.12
CA GLY B 99 0.63 -13.57 -15.90
C GLY B 99 1.15 -14.57 -14.88
N GLU B 100 0.49 -15.71 -14.75
CA GLU B 100 0.95 -16.71 -13.79
C GLU B 100 2.29 -17.31 -14.18
N LEU B 101 2.56 -17.47 -15.48
CA LEU B 101 3.91 -17.93 -15.91
C LEU B 101 4.97 -16.89 -15.51
N ILE B 102 4.69 -15.62 -15.79
CA ILE B 102 5.61 -14.52 -15.42
C ILE B 102 5.83 -14.48 -13.90
N ARG B 103 4.76 -14.53 -13.14
CA ARG B 103 4.85 -14.40 -11.67
C ARG B 103 5.73 -15.51 -11.04
N HIS B 104 5.75 -16.69 -11.64
CA HIS B 104 6.51 -17.84 -11.11
C HIS B 104 7.86 -18.10 -11.78
N GLN B 105 8.27 -17.19 -12.66
CA GLN B 105 9.53 -17.33 -13.41
C GLN B 105 10.71 -17.33 -12.43
N PRO B 106 11.70 -18.23 -12.62
CA PRO B 106 12.85 -18.24 -11.70
C PRO B 106 13.72 -16.98 -11.79
N GLN B 107 14.00 -16.52 -13.01
CA GLN B 107 14.76 -15.30 -13.24
C GLN B 107 14.03 -14.10 -12.66
N VAL B 108 14.76 -13.04 -12.35
CA VAL B 108 14.12 -11.76 -12.00
C VAL B 108 13.51 -11.23 -13.29
N THR B 109 12.23 -10.85 -13.25
CA THR B 109 11.55 -10.33 -14.44
C THR B 109 11.32 -8.80 -14.29
N ILE B 110 11.72 -8.06 -15.32
CA ILE B 110 11.66 -6.61 -15.31
C ILE B 110 10.90 -6.15 -16.56
N VAL B 111 9.90 -5.29 -16.39
CA VAL B 111 9.21 -4.69 -17.56
C VAL B 111 9.67 -3.25 -17.72
N LYS B 112 10.07 -2.90 -18.93
CA LYS B 112 10.36 -1.53 -19.33
C LYS B 112 9.18 -1.02 -20.16
N LEU B 113 8.39 -0.12 -19.57
CA LEU B 113 7.15 0.37 -20.16
C LEU B 113 7.31 1.80 -20.64
N ALA B 114 7.34 1.96 -21.96
CA ALA B 114 7.47 3.26 -22.57
C ALA B 114 6.15 3.77 -23.13
N GLY B 115 5.26 2.87 -23.55
CA GLY B 115 4.02 3.23 -24.17
C GLY B 115 2.80 2.71 -23.41
N LYS B 116 1.74 2.46 -24.18
CA LYS B 116 0.46 2.06 -23.61
C LYS B 116 0.30 0.54 -23.51
N ALA B 117 -0.22 0.11 -22.36
CA ALA B 117 -0.57 -1.29 -22.10
C ALA B 117 -1.95 -1.32 -21.50
N ARG B 118 -2.86 -2.05 -22.13
CA ARG B 118 -4.22 -2.14 -21.66
C ARG B 118 -4.68 -3.59 -21.58
N GLY B 119 -5.68 -3.81 -20.73
CA GLY B 119 -6.25 -5.15 -20.50
C GLY B 119 -5.21 -6.17 -20.14
N GLY B 120 -5.16 -7.24 -20.93
CA GLY B 120 -4.14 -8.26 -20.76
C GLY B 120 -2.71 -7.74 -20.81
N GLY B 121 -2.46 -6.67 -21.56
CA GLY B 121 -1.14 -6.03 -21.54
C GLY B 121 -0.84 -5.41 -20.19
N ALA B 122 -1.85 -4.83 -19.54
CA ALA B 122 -1.64 -4.21 -18.22
C ALA B 122 -1.43 -5.29 -17.16
N GLU B 123 -2.10 -6.42 -17.35
CA GLU B 123 -1.91 -7.60 -16.49
C GLU B 123 -0.47 -8.11 -16.57
N PHE B 124 0.07 -8.15 -17.79
CA PHE B 124 1.45 -8.58 -18.09
C PHE B 124 2.43 -7.68 -17.34
N VAL B 125 2.22 -6.37 -17.47
CA VAL B 125 3.05 -5.39 -16.77
C VAL B 125 3.06 -5.63 -15.27
N ALA B 126 1.87 -5.82 -14.67
CA ALA B 126 1.74 -5.91 -13.20
C ALA B 126 2.27 -7.24 -12.65
N ALA B 127 2.39 -8.25 -13.51
CA ALA B 127 2.77 -9.62 -13.08
C ALA B 127 4.29 -9.77 -12.90
N ALA B 128 5.06 -8.93 -13.58
CA ALA B 128 6.52 -9.00 -13.51
C ALA B 128 7.01 -8.63 -12.10
N ASP B 129 8.22 -9.08 -11.74
CA ASP B 129 8.77 -8.73 -10.44
C ASP B 129 8.87 -7.23 -10.25
N MET B 130 9.26 -6.52 -11.32
CA MET B 130 9.36 -5.06 -11.24
C MET B 130 9.05 -4.42 -12.59
N ALA B 131 8.46 -3.23 -12.54
CA ALA B 131 8.07 -2.50 -13.74
C ALA B 131 8.48 -1.03 -13.56
N PHE B 132 9.15 -0.51 -14.58
CA PHE B 132 9.63 0.87 -14.64
C PHE B 132 9.03 1.49 -15.89
N ALA B 133 8.44 2.68 -15.76
CA ALA B 133 7.68 3.32 -16.85
C ALA B 133 8.13 4.75 -17.15
N ALA B 134 8.01 5.12 -18.42
CA ALA B 134 8.35 6.47 -18.89
C ALA B 134 7.25 7.49 -18.44
N ALA B 135 7.68 8.48 -17.66
CA ALA B 135 6.75 9.45 -17.06
C ALA B 135 5.91 10.15 -18.13
N GLU B 136 6.51 10.49 -19.25
CA GLU B 136 5.86 11.31 -20.28
C GLU B 136 4.94 10.56 -21.21
N THR B 137 5.22 9.28 -21.44
CA THR B 137 4.61 8.54 -22.53
C THR B 137 3.83 7.29 -22.12
N ALA B 138 4.16 6.69 -20.97
CA ALA B 138 3.58 5.41 -20.63
C ALA B 138 2.14 5.57 -20.17
N GLY B 139 1.38 4.50 -20.33
CA GLY B 139 0.02 4.45 -19.80
C GLY B 139 -0.42 3.02 -19.50
N LEU B 140 -1.26 2.87 -18.48
CA LEU B 140 -1.79 1.59 -18.06
C LEU B 140 -3.28 1.72 -17.84
N GLY B 141 -4.04 0.82 -18.43
CA GLY B 141 -5.47 0.82 -18.21
C GLY B 141 -6.07 -0.56 -18.29
N GLN B 142 -7.13 -0.78 -17.50
CA GLN B 142 -7.90 -2.02 -17.62
C GLN B 142 -9.14 -1.69 -18.45
N ILE B 143 -9.07 -1.96 -19.75
CA ILE B 143 -10.12 -1.58 -20.69
C ILE B 143 -11.38 -2.48 -20.63
N GLU B 144 -11.24 -3.61 -19.95
CA GLU B 144 -12.23 -4.68 -19.96
C GLU B 144 -13.66 -4.24 -19.70
N ALA B 145 -13.87 -3.44 -18.66
CA ALA B 145 -15.20 -2.98 -18.29
C ALA B 145 -15.93 -2.31 -19.45
N LEU B 146 -15.18 -1.61 -20.30
CA LEU B 146 -15.75 -0.93 -21.48
C LEU B 146 -16.11 -1.89 -22.64
N MET B 147 -15.63 -3.12 -22.55
CA MET B 147 -15.97 -4.20 -23.47
C MET B 147 -17.07 -5.11 -22.88
N GLY B 148 -17.63 -4.69 -21.74
CA GLY B 148 -18.71 -5.41 -21.08
C GLY B 148 -18.28 -6.61 -20.29
N ILE B 149 -16.99 -6.65 -19.94
CA ILE B 149 -16.41 -7.75 -19.17
C ILE B 149 -15.61 -7.18 -18.00
N ILE B 150 -14.84 -8.00 -17.32
CA ILE B 150 -13.88 -7.54 -16.34
C ILE B 150 -12.53 -8.18 -16.69
N PRO B 151 -11.45 -7.74 -16.05
CA PRO B 151 -10.20 -8.46 -16.31
C PRO B 151 -10.31 -9.93 -15.93
N GLY B 152 -9.93 -10.80 -16.85
CA GLY B 152 -9.96 -12.22 -16.64
C GLY B 152 -8.60 -12.89 -16.74
N GLY B 153 -7.55 -12.10 -16.76
CA GLY B 153 -6.20 -12.59 -16.83
C GLY B 153 -5.35 -12.35 -15.58
N GLY B 154 -6.01 -12.13 -14.43
CA GLY B 154 -5.31 -11.94 -13.15
C GLY B 154 -5.34 -10.50 -12.66
N GLY B 155 -5.70 -9.57 -13.54
CA GLY B 155 -5.62 -8.13 -13.27
C GLY B 155 -6.32 -7.66 -12.01
N THR B 156 -7.51 -8.22 -11.74
CA THR B 156 -8.23 -7.80 -10.54
C THR B 156 -7.41 -8.16 -9.28
N GLN B 157 -6.76 -9.32 -9.33
CA GLN B 157 -5.96 -9.78 -8.20
C GLN B 157 -4.60 -9.12 -8.08
N TYR B 158 -3.94 -8.88 -9.22
CA TYR B 158 -2.68 -8.18 -9.21
C TYR B 158 -2.89 -6.76 -8.67
N LEU B 159 -3.97 -6.12 -9.11
CA LEU B 159 -4.34 -4.79 -8.57
C LEU B 159 -4.69 -4.88 -7.12
N ARG B 160 -5.54 -5.83 -6.73
CA ARG B 160 -5.87 -5.90 -5.31
C ARG B 160 -4.60 -5.92 -4.45
N GLY B 161 -3.65 -6.77 -4.83
CA GLY B 161 -2.41 -6.96 -4.07
C GLY B 161 -1.51 -5.75 -4.11
N ARG B 162 -1.39 -5.10 -5.28
CA ARG B 162 -0.44 -3.99 -5.43
C ARG B 162 -0.98 -2.62 -5.02
N VAL B 163 -2.27 -2.38 -5.26
CA VAL B 163 -2.84 -1.07 -5.02
C VAL B 163 -3.93 -1.05 -3.94
N GLY B 164 -4.41 -2.23 -3.52
CA GLY B 164 -5.53 -2.32 -2.54
C GLY B 164 -6.89 -2.35 -3.23
N ARG B 165 -7.88 -2.91 -2.55
CA ARG B 165 -9.22 -3.05 -3.14
C ARG B 165 -9.83 -1.73 -3.66
N ASN B 166 -9.71 -0.64 -2.87
CA ASN B 166 -10.37 0.61 -3.21
C ASN B 166 -9.89 1.15 -4.55
N ARG B 167 -8.58 1.21 -4.70
CA ARG B 167 -7.97 1.60 -5.95
C ARG B 167 -8.09 0.58 -7.08
N ALA B 168 -8.14 -0.71 -6.77
CA ALA B 168 -8.40 -1.73 -7.75
C ALA B 168 -9.78 -1.54 -8.40
N LEU B 169 -10.79 -1.26 -7.57
CA LEU B 169 -12.15 -1.04 -8.10
C LEU B 169 -12.19 0.22 -8.94
N GLU B 170 -11.49 1.26 -8.47
CA GLU B 170 -11.35 2.47 -9.26
C GLU B 170 -10.72 2.15 -10.62
N VAL B 171 -9.60 1.44 -10.63
CA VAL B 171 -8.90 1.16 -11.92
C VAL B 171 -9.83 0.39 -12.84
N VAL B 172 -10.44 -0.67 -12.32
CA VAL B 172 -11.27 -1.56 -13.13
C VAL B 172 -12.55 -0.88 -13.66
N LEU B 173 -13.23 -0.12 -12.80
CA LEU B 173 -14.55 0.41 -13.16
C LEU B 173 -14.46 1.75 -13.87
N THR B 174 -13.49 2.60 -13.54
CA THR B 174 -13.32 3.86 -14.31
C THR B 174 -12.77 3.52 -15.69
N ALA B 175 -11.99 2.44 -15.76
CA ALA B 175 -11.39 1.97 -17.01
C ALA B 175 -10.57 3.05 -17.71
N ASP B 176 -10.04 4.01 -16.97
CA ASP B 176 -9.27 5.06 -17.58
C ASP B 176 -7.83 4.67 -17.76
N LEU B 177 -7.15 5.38 -18.65
CA LEU B 177 -5.74 5.19 -18.89
C LEU B 177 -4.99 6.00 -17.85
N PHE B 178 -4.31 5.29 -16.95
CA PHE B 178 -3.54 5.90 -15.88
C PHE B 178 -2.16 6.28 -16.39
N ASP B 179 -1.70 7.49 -16.09
CA ASP B 179 -0.34 7.85 -16.45
C ASP B 179 0.67 7.18 -15.52
N ALA B 180 1.93 7.21 -15.90
CA ALA B 180 2.98 6.55 -15.13
C ALA B 180 3.09 7.03 -13.70
N GLU B 181 3.00 8.34 -13.49
CA GLU B 181 3.15 8.90 -12.15
C GLU B 181 2.05 8.44 -11.21
N THR B 182 0.82 8.39 -11.70
CA THR B 182 -0.30 7.89 -10.92
C THR B 182 -0.18 6.38 -10.67
N ALA B 183 0.19 5.63 -11.69
CA ALA B 183 0.37 4.19 -11.55
C ALA B 183 1.44 3.88 -10.48
N ALA B 184 2.56 4.61 -10.53
CA ALA B 184 3.60 4.46 -9.49
C ALA B 184 3.13 4.90 -8.10
N SER B 185 2.45 6.03 -7.98
CA SER B 185 2.00 6.44 -6.65
C SER B 185 1.00 5.40 -6.06
N TYR B 186 0.21 4.75 -6.91
CA TYR B 186 -0.71 3.67 -6.50
C TYR B 186 0.03 2.38 -6.15
N GLY B 187 1.21 2.15 -6.73
CA GLY B 187 1.97 0.95 -6.51
C GLY B 187 1.72 -0.12 -7.57
N TRP B 188 1.02 0.25 -8.64
CA TRP B 188 0.73 -0.65 -9.78
C TRP B 188 2.03 -1.00 -10.52
N ILE B 189 2.94 -0.04 -10.57
CA ILE B 189 4.30 -0.27 -11.05
C ILE B 189 5.29 0.24 -10.01
N ASN B 190 6.57 -0.06 -10.20
CA ASN B 190 7.56 0.29 -9.19
C ASN B 190 7.92 1.78 -9.21
N ARG B 191 8.12 2.32 -10.40
CA ARG B 191 8.63 3.69 -10.53
C ARG B 191 8.33 4.27 -11.89
N ALA B 192 8.08 5.58 -11.93
CA ALA B 192 8.03 6.37 -13.15
C ALA B 192 9.31 7.17 -13.22
N LEU B 193 9.92 7.14 -14.40
CA LEU B 193 11.22 7.78 -14.67
C LEU B 193 11.13 8.60 -15.94
N PRO B 194 12.00 9.60 -16.10
CA PRO B 194 11.98 10.34 -17.39
C PRO B 194 12.18 9.44 -18.62
N ALA B 195 11.38 9.66 -19.67
CA ALA B 195 11.43 8.86 -20.88
C ALA B 195 12.86 8.76 -21.44
N ASP B 196 13.59 9.86 -21.42
CA ASP B 196 14.94 9.88 -21.98
C ASP B 196 15.99 9.19 -21.10
N GLU B 197 15.63 8.84 -19.86
CA GLU B 197 16.52 8.13 -18.93
C GLU B 197 16.14 6.66 -18.73
N LEU B 198 14.96 6.27 -19.18
CA LEU B 198 14.42 4.97 -18.85
C LEU B 198 15.24 3.78 -19.36
N ASP B 199 15.74 3.88 -20.59
CA ASP B 199 16.48 2.78 -21.22
C ASP B 199 17.78 2.50 -20.45
N GLU B 200 18.54 3.55 -20.15
CA GLU B 200 19.77 3.38 -19.38
C GLU B 200 19.49 2.93 -17.92
N TYR B 201 18.43 3.43 -17.31
CA TYR B 201 18.07 3.05 -15.95
C TYR B 201 17.75 1.53 -15.82
N VAL B 202 16.92 1.03 -16.73
CA VAL B 202 16.56 -0.40 -16.74
C VAL B 202 17.79 -1.26 -17.06
N ASP B 203 18.61 -0.81 -18.02
CA ASP B 203 19.83 -1.56 -18.31
C ASP B 203 20.75 -1.67 -17.08
N ARG B 204 20.93 -0.58 -16.37
CA ARG B 204 21.72 -0.58 -15.14
C ARG B 204 21.16 -1.53 -14.07
N VAL B 205 19.85 -1.45 -13.83
CA VAL B 205 19.21 -2.33 -12.83
C VAL B 205 19.41 -3.79 -13.24
N ALA B 206 19.14 -4.12 -14.50
CA ALA B 206 19.25 -5.49 -14.99
C ALA B 206 20.68 -6.05 -14.85
N ARG B 207 21.65 -5.26 -15.27
CA ARG B 207 23.05 -5.67 -15.21
C ARG B 207 23.54 -5.77 -13.80
N ASN B 208 23.11 -4.85 -12.93
CA ASN B 208 23.49 -4.91 -11.51
C ASN B 208 22.92 -6.14 -10.79
N ILE B 209 21.68 -6.50 -11.11
CA ILE B 209 21.09 -7.70 -10.57
C ILE B 209 21.77 -8.94 -11.13
N ALA B 210 22.04 -8.96 -12.44
CA ALA B 210 22.72 -10.13 -13.04
C ALA B 210 24.15 -10.29 -12.50
N ALA B 211 24.79 -9.21 -12.08
CA ALA B 211 26.16 -9.27 -11.53
C ALA B 211 26.23 -9.79 -10.11
N LEU B 212 25.09 -9.92 -9.42
CA LEU B 212 25.09 -10.41 -8.03
C LEU B 212 25.67 -11.81 -7.96
N PRO B 213 26.30 -12.14 -6.81
CA PRO B 213 26.90 -13.45 -6.65
C PRO B 213 25.91 -14.55 -6.85
N ASP B 214 26.38 -15.70 -7.32
CA ASP B 214 25.56 -16.91 -7.43
C ASP B 214 24.75 -17.17 -6.16
N GLY B 215 23.48 -17.49 -6.35
CA GLY B 215 22.59 -17.88 -5.26
C GLY B 215 21.78 -16.76 -4.63
N VAL B 216 22.16 -15.51 -4.85
CA VAL B 216 21.53 -14.38 -4.17
C VAL B 216 20.09 -14.15 -4.69
N ILE B 217 19.93 -14.13 -6.02
CA ILE B 217 18.57 -14.04 -6.60
C ILE B 217 17.64 -15.15 -6.10
N GLU B 218 18.16 -16.38 -6.09
CA GLU B 218 17.40 -17.54 -5.62
C GLU B 218 16.99 -17.38 -4.16
N ALA B 219 17.91 -16.93 -3.31
CA ALA B 219 17.64 -16.70 -1.89
C ALA B 219 16.59 -15.60 -1.71
N ALA B 220 16.71 -14.53 -2.49
CA ALA B 220 15.75 -13.41 -2.39
C ALA B 220 14.36 -13.92 -2.79
N LYS B 221 14.26 -14.67 -3.87
CA LYS B 221 12.94 -15.20 -4.31
C LYS B 221 12.35 -16.25 -3.37
N ARG B 222 13.20 -17.02 -2.70
CA ARG B 222 12.77 -17.92 -1.66
C ARG B 222 12.27 -17.17 -0.43
N SER B 223 12.94 -16.08 -0.08
CA SER B 223 12.52 -15.28 1.10
C SER B 223 11.22 -14.48 0.81
N LEU B 224 10.98 -14.22 -0.48
CA LEU B 224 9.85 -13.40 -0.95
C LEU B 224 9.09 -14.18 -2.03
N PRO B 225 8.45 -15.29 -1.62
CA PRO B 225 7.78 -16.14 -2.61
C PRO B 225 6.56 -15.46 -3.16
N ALA B 226 6.17 -15.89 -4.36
CA ALA B 226 5.03 -15.32 -5.04
C ALA B 226 3.80 -15.44 -4.16
N ASP B 227 2.96 -14.41 -4.24
CA ASP B 227 1.76 -14.30 -3.44
C ASP B 227 0.82 -15.48 -3.71
N ASP B 228 0.09 -15.87 -2.67
CA ASP B 228 -0.91 -16.93 -2.78
C ASP B 228 -2.18 -16.28 -3.33
N LEU B 229 -2.46 -16.51 -4.61
CA LEU B 229 -3.66 -15.94 -5.26
C LEU B 229 -4.68 -17.00 -5.75
N LYS B 230 -4.55 -18.24 -5.29
CA LYS B 230 -5.38 -19.31 -5.86
C LYS B 230 -6.87 -18.99 -5.78
N GLU B 231 -7.35 -18.65 -4.59
CA GLU B 231 -8.79 -18.40 -4.41
C GLU B 231 -9.25 -17.15 -5.14
N GLY B 232 -8.39 -16.12 -5.14
CA GLY B 232 -8.74 -14.88 -5.85
C GLY B 232 -8.84 -15.07 -7.34
N LEU B 233 -7.92 -15.85 -7.90
CA LEU B 233 -7.92 -16.09 -9.35
C LEU B 233 -9.16 -16.91 -9.75
N LEU B 234 -9.52 -17.90 -8.94
CA LEU B 234 -10.75 -18.65 -9.18
C LEU B 234 -12.00 -17.74 -9.14
N GLY B 235 -12.10 -16.87 -8.13
CA GLY B 235 -13.21 -15.92 -8.01
C GLY B 235 -13.32 -14.96 -9.21
N GLU B 236 -12.16 -14.50 -9.68
CA GLU B 236 -12.12 -13.62 -10.84
C GLU B 236 -12.60 -14.38 -12.07
N ASN B 237 -12.09 -15.60 -12.26
CA ASN B 237 -12.52 -16.43 -13.37
C ASN B 237 -14.04 -16.62 -13.43
N ASP B 238 -14.64 -16.89 -12.28
CA ASP B 238 -16.08 -17.14 -12.21
C ASP B 238 -16.86 -15.87 -12.58
N ALA B 239 -16.40 -14.74 -12.05
CA ALA B 239 -17.05 -13.46 -12.31
C ALA B 239 -16.90 -13.07 -13.77
N TRP B 240 -15.70 -13.29 -14.33
CA TRP B 240 -15.40 -12.95 -15.71
C TRP B 240 -16.20 -13.83 -16.67
N ALA B 241 -16.20 -15.13 -16.42
CA ALA B 241 -16.99 -16.06 -17.23
C ALA B 241 -18.45 -15.66 -17.31
N ALA B 242 -19.00 -15.20 -16.19
CA ALA B 242 -20.41 -14.83 -16.12
C ALA B 242 -20.74 -13.63 -17.01
N THR B 243 -19.80 -12.69 -17.20
CA THR B 243 -20.05 -11.52 -18.05
C THR B 243 -20.25 -11.89 -19.53
N PHE B 244 -19.68 -13.02 -19.99
CA PHE B 244 -20.01 -13.56 -21.34
C PHE B 244 -21.36 -14.27 -21.48
N SER B 245 -22.05 -14.50 -20.38
CA SER B 245 -23.43 -14.98 -20.46
C SER B 245 -24.41 -13.84 -20.70
N LEU B 246 -23.91 -12.61 -20.87
CA LEU B 246 -24.75 -11.46 -21.19
C LEU B 246 -24.39 -10.90 -22.58
N PRO B 247 -25.37 -10.32 -23.29
CA PRO B 247 -25.16 -9.98 -24.71
C PRO B 247 -24.20 -8.85 -25.01
N ALA B 248 -24.01 -7.92 -24.07
CA ALA B 248 -23.21 -6.72 -24.29
C ALA B 248 -21.80 -7.01 -24.77
N ALA B 249 -21.12 -7.98 -24.16
CA ALA B 249 -19.71 -8.23 -24.48
C ALA B 249 -19.48 -8.46 -25.97
N GLN B 250 -20.26 -9.33 -26.61
CA GLN B 250 -20.02 -9.58 -28.03
C GLN B 250 -20.46 -8.39 -28.92
N GLN B 251 -21.51 -7.68 -28.52
CA GLN B 251 -21.95 -6.49 -29.23
C GLN B 251 -20.86 -5.43 -29.20
N LEU B 252 -20.23 -5.27 -28.03
CA LEU B 252 -19.21 -4.22 -27.87
C LEU B 252 -17.89 -4.61 -28.53
N ILE B 253 -17.51 -5.87 -28.44
CA ILE B 253 -16.31 -6.34 -29.10
C ILE B 253 -16.46 -6.23 -30.63
N SER B 254 -17.59 -6.68 -31.19
CA SER B 254 -17.83 -6.49 -32.63
C SER B 254 -17.88 -5.03 -33.08
N GLY B 255 -18.54 -4.20 -32.29
CA GLY B 255 -18.65 -2.77 -32.57
C GLY B 255 -17.31 -2.06 -32.52
N GLY B 256 -16.49 -2.44 -31.55
CA GLY B 256 -15.15 -1.92 -31.42
C GLY B 256 -14.29 -2.18 -32.65
N LEU B 257 -14.30 -3.42 -33.11
CA LEU B 257 -13.53 -3.82 -34.29
C LEU B 257 -14.00 -3.04 -35.53
N LYS B 258 -15.32 -2.91 -35.70
CA LYS B 258 -15.90 -2.17 -36.80
C LYS B 258 -15.47 -0.70 -36.78
N ASP B 259 -15.27 -0.14 -35.59
CA ASP B 259 -14.95 1.25 -35.44
C ASP B 259 -13.44 1.55 -35.32
N GLY B 260 -12.60 0.54 -35.54
CA GLY B 260 -11.17 0.76 -35.62
C GLY B 260 -10.31 0.26 -34.48
N ALA B 261 -10.87 -0.53 -33.54
CA ALA B 261 -9.99 -1.14 -32.54
C ALA B 261 -8.92 -1.98 -33.26
N GLN B 262 -7.74 -2.07 -32.67
CA GLN B 262 -6.65 -2.88 -33.17
C GLN B 262 -5.99 -2.26 -34.39
N THR B 263 -6.25 -0.97 -34.57
CA THR B 263 -5.48 -0.11 -35.46
C THR B 263 -4.86 0.98 -34.59
N PRO B 264 -3.73 1.54 -35.02
CA PRO B 264 -3.07 2.57 -34.21
C PRO B 264 -3.96 3.74 -33.86
N ALA B 265 -4.72 4.24 -34.82
CA ALA B 265 -5.64 5.41 -34.48
C ALA B 265 -6.74 5.04 -33.47
N GLY B 266 -7.30 3.84 -33.63
CA GLY B 266 -8.35 3.34 -32.76
C GLY B 266 -7.84 3.04 -31.36
N GLU B 267 -6.64 2.51 -31.26
CA GLU B 267 -6.07 2.18 -29.94
C GLU B 267 -5.56 3.39 -29.17
N ARG B 268 -5.24 4.49 -29.85
CA ARG B 268 -4.62 5.62 -29.17
C ARG B 268 -5.50 6.11 -27.99
N ASP B 269 -6.80 6.29 -28.26
CA ASP B 269 -7.79 6.60 -27.23
C ASP B 269 -8.85 5.51 -27.23
N LEU B 270 -8.43 4.29 -26.92
CA LEU B 270 -9.37 3.17 -26.93
C LEU B 270 -10.54 3.40 -25.97
N GLU B 271 -10.30 4.11 -24.86
CA GLU B 271 -11.35 4.34 -23.85
C GLU B 271 -12.45 5.14 -24.50
N GLY B 272 -12.07 6.25 -25.14
CA GLY B 272 -13.02 7.07 -25.90
C GLY B 272 -13.76 6.31 -27.00
N LEU B 273 -13.03 5.52 -27.77
CA LEU B 273 -13.63 4.72 -28.83
C LEU B 273 -14.68 3.77 -28.29
N MET B 274 -14.33 3.04 -27.21
CA MET B 274 -15.28 2.08 -26.66
C MET B 274 -16.50 2.75 -26.01
N ARG B 275 -16.34 3.92 -25.41
CA ARG B 275 -17.52 4.60 -24.86
C ARG B 275 -18.47 5.07 -25.95
N SER B 276 -17.92 5.53 -27.07
CA SER B 276 -18.78 5.93 -28.18
C SER B 276 -19.46 4.73 -28.86
N VAL B 277 -18.76 3.59 -28.97
CA VAL B 277 -19.39 2.35 -29.40
C VAL B 277 -20.58 2.00 -28.48
N ALA B 278 -20.37 2.08 -27.17
CA ALA B 278 -21.45 1.79 -26.21
C ALA B 278 -22.60 2.77 -26.36
N ARG B 279 -22.30 4.07 -26.50
CA ARG B 279 -23.32 5.11 -26.70
C ARG B 279 -24.11 4.87 -28.00
N GLU B 280 -23.43 4.42 -29.04
CA GLU B 280 -24.09 4.13 -30.32
C GLU B 280 -25.04 2.94 -30.19
N GLY B 281 -24.61 1.92 -29.44
CA GLY B 281 -25.46 0.81 -29.05
C GLY B 281 -26.01 -0.02 -30.20
N HIS B 282 -25.23 -0.21 -31.26
CA HIS B 282 -25.72 -1.00 -32.40
C HIS B 282 -25.95 -2.43 -31.97
N HIS B 283 -27.02 -3.03 -32.48
CA HIS B 283 -27.29 -4.43 -32.29
C HIS B 283 -28.31 -4.92 -33.32
N HIS B 284 -28.57 -6.23 -33.31
CA HIS B 284 -29.44 -6.87 -34.30
C HIS B 284 -30.93 -6.63 -34.02
N HIS B 285 -31.72 -6.75 -35.08
CA HIS B 285 -33.16 -6.53 -35.05
C HIS B 285 -33.84 -7.63 -35.84
N HIS B 286 -34.40 -8.61 -35.17
CA HIS B 286 -34.91 -9.80 -35.85
C HIS B 286 -36.45 -9.88 -35.89
N HIS B 287 -37.12 -8.73 -35.81
CA HIS B 287 -38.57 -8.69 -35.95
C HIS B 287 -39.03 -9.45 -37.22
N ASN C 5 24.69 8.83 32.55
CA ASN C 5 25.21 9.18 31.19
C ASN C 5 26.15 8.09 30.66
N ASP C 6 26.90 7.45 31.56
CA ASP C 6 27.86 6.40 31.14
C ASP C 6 27.38 4.98 31.47
N ALA C 7 26.06 4.80 31.48
CA ALA C 7 25.47 3.49 31.76
C ALA C 7 25.81 2.47 30.65
N TYR C 8 25.97 2.95 29.42
CA TYR C 8 26.20 2.07 28.26
C TYR C 8 27.34 2.50 27.35
N SER C 9 27.82 1.53 26.62
CA SER C 9 28.88 1.72 25.66
C SER C 9 28.41 2.37 24.36
N THR C 10 27.22 1.99 23.89
CA THR C 10 26.76 2.35 22.53
C THR C 10 25.50 3.20 22.49
N LEU C 11 24.94 3.51 23.64
CA LEU C 11 23.64 4.20 23.73
C LEU C 11 23.69 5.21 24.86
N ARG C 12 22.86 6.25 24.76
CA ARG C 12 22.52 7.10 25.92
C ARG C 12 21.00 7.14 26.02
N VAL C 13 20.47 6.92 27.22
CA VAL C 13 19.02 6.93 27.43
C VAL C 13 18.64 8.02 28.41
N SER C 14 17.61 8.79 28.09
CA SER C 14 17.06 9.75 29.03
C SER C 14 15.53 9.74 28.93
N SER C 15 14.85 10.10 30.01
CA SER C 15 13.39 10.18 29.91
C SER C 15 12.79 11.22 30.82
N GLU C 16 11.74 11.84 30.31
CA GLU C 16 10.98 12.74 31.13
C GLU C 16 9.65 12.97 30.46
N HIS C 17 8.66 13.26 31.29
CA HIS C 17 7.32 13.63 30.82
C HIS C 17 6.74 12.58 29.89
N GLY C 18 7.02 11.31 30.18
CA GLY C 18 6.49 10.22 29.38
C GLY C 18 7.23 9.82 28.11
N VAL C 19 8.31 10.52 27.76
CA VAL C 19 9.09 10.24 26.55
C VAL C 19 10.49 9.83 26.89
N ALA C 20 10.91 8.66 26.41
CA ALA C 20 12.30 8.22 26.53
C ALA C 20 12.98 8.49 25.21
N ARG C 21 14.22 8.99 25.29
CA ARG C 21 15.06 9.19 24.13
C ARG C 21 16.24 8.26 24.22
N ILE C 22 16.44 7.48 23.15
CA ILE C 22 17.56 6.58 23.03
C ILE C 22 18.43 7.07 21.90
N ILE C 23 19.62 7.55 22.25
CA ILE C 23 20.57 8.11 21.31
C ILE C 23 21.58 7.01 21.00
N LEU C 24 21.70 6.68 19.71
CA LEU C 24 22.60 5.61 19.26
C LEU C 24 23.97 6.28 19.00
N ASP C 25 25.03 5.75 19.61
CA ASP C 25 26.34 6.42 19.60
C ASP C 25 27.48 5.38 19.75
N ASN C 26 27.93 4.83 18.61
CA ASN C 26 28.98 3.83 18.55
C ASN C 26 29.95 4.18 17.41
N PRO C 27 30.85 5.13 17.66
CA PRO C 27 31.81 5.59 16.65
C PRO C 27 32.65 4.44 16.11
N PRO C 28 33.18 4.58 14.88
CA PRO C 28 33.12 5.77 14.05
C PRO C 28 31.92 5.93 13.15
N VAL C 29 31.11 4.88 12.93
CA VAL C 29 30.01 4.94 11.95
C VAL C 29 28.69 4.32 12.45
N ASN C 30 28.58 4.10 13.76
CA ASN C 30 27.37 3.51 14.33
C ASN C 30 27.05 2.12 13.76
N VAL C 31 28.06 1.25 13.68
CA VAL C 31 27.80 -0.17 13.40
C VAL C 31 26.98 -0.79 14.55
N ILE C 32 26.14 -1.75 14.20
CA ILE C 32 25.39 -2.54 15.18
C ILE C 32 26.26 -3.74 15.48
N GLY C 33 26.90 -3.73 16.63
CA GLY C 33 27.72 -4.87 17.08
C GLY C 33 26.99 -5.64 18.18
N ALA C 34 27.63 -6.72 18.61
CA ALA C 34 27.14 -7.55 19.69
C ALA C 34 26.87 -6.73 20.96
N THR C 35 27.69 -5.71 21.26
CA THR C 35 27.46 -4.93 22.45
C THR C 35 26.18 -4.09 22.31
N MET C 36 25.99 -3.44 21.18
CA MET C 36 24.76 -2.66 20.97
C MET C 36 23.52 -3.55 21.05
N MET C 37 23.62 -4.76 20.51
CA MET C 37 22.47 -5.69 20.49
C MET C 37 22.08 -6.08 21.93
N ARG C 38 23.08 -6.33 22.76
CA ARG C 38 22.86 -6.68 24.16
CA ARG C 38 22.84 -6.68 24.16
C ARG C 38 22.29 -5.47 24.93
N GLU C 39 22.85 -4.31 24.68
CA GLU C 39 22.40 -3.09 25.37
C GLU C 39 20.99 -2.69 24.96
N LEU C 40 20.71 -2.78 23.67
CA LEU C 40 19.35 -2.50 23.21
C LEU C 40 18.33 -3.40 23.91
N ARG C 41 18.65 -4.69 24.03
CA ARG C 41 17.73 -5.63 24.68
C ARG C 41 17.51 -5.24 26.14
N THR C 42 18.58 -4.93 26.86
CA THR C 42 18.48 -4.47 28.25
C THR C 42 17.61 -3.23 28.39
N VAL C 43 17.90 -2.23 27.56
CA VAL C 43 17.18 -0.94 27.67
C VAL C 43 15.68 -1.11 27.35
N LEU C 44 15.39 -1.78 26.25
CA LEU C 44 14.00 -1.94 25.82
C LEU C 44 13.20 -2.88 26.77
N THR C 45 13.84 -3.93 27.29
CA THR C 45 13.17 -4.80 28.25
C THR C 45 12.81 -4.04 29.54
N THR C 46 13.72 -3.16 29.98
CA THR C 46 13.52 -2.37 31.17
C THR C 46 12.38 -1.37 30.99
N LEU C 47 12.44 -0.64 29.87
CA LEU C 47 11.39 0.33 29.56
C LEU C 47 10.01 -0.35 29.37
N ALA C 48 9.98 -1.56 28.85
CA ALA C 48 8.71 -2.30 28.67
C ALA C 48 7.96 -2.37 30.00
N ASP C 49 8.70 -2.50 31.10
CA ASP C 49 8.13 -2.61 32.44
C ASP C 49 7.91 -1.29 33.16
N ASP C 50 8.23 -0.17 32.51
CA ASP C 50 8.18 1.17 33.11
C ASP C 50 6.89 1.87 32.65
N SER C 51 5.92 1.90 33.55
CA SER C 51 4.62 2.51 33.29
C SER C 51 4.71 4.00 33.00
N SER C 52 5.73 4.67 33.55
CA SER C 52 5.88 6.11 33.38
C SER C 52 6.38 6.52 32.00
N VAL C 53 6.74 5.55 31.14
CA VAL C 53 7.25 5.85 29.81
C VAL C 53 6.24 5.35 28.78
N ARG C 54 5.79 6.25 27.92
CA ARG C 54 4.74 5.97 26.96
CA ARG C 54 4.74 5.98 26.94
C ARG C 54 5.21 6.01 25.49
N VAL C 55 6.31 6.73 25.22
CA VAL C 55 6.86 6.92 23.88
C VAL C 55 8.39 6.75 23.94
N ILE C 56 8.96 6.05 22.96
CA ILE C 56 10.43 5.89 22.82
C ILE C 56 10.86 6.49 21.47
N VAL C 57 11.79 7.43 21.50
CA VAL C 57 12.30 8.07 20.28
C VAL C 57 13.79 7.66 20.09
N PHE C 58 14.06 7.00 18.97
CA PHE C 58 15.42 6.61 18.63
C PHE C 58 16.02 7.63 17.66
N SER C 59 17.23 8.10 17.98
CA SER C 59 17.98 8.97 17.07
C SER C 59 19.46 8.65 17.19
N SER C 60 20.25 9.30 16.35
CA SER C 60 21.66 9.07 16.30
C SER C 60 22.51 10.28 16.69
N ALA C 61 23.62 9.99 17.37
CA ALA C 61 24.63 11.01 17.73
C ALA C 61 25.60 11.26 16.58
N ASP C 62 25.56 10.39 15.56
CA ASP C 62 26.45 10.48 14.42
C ASP C 62 25.81 11.33 13.32
N PRO C 63 26.51 12.38 12.86
CA PRO C 63 25.89 13.27 11.88
C PRO C 63 25.67 12.66 10.49
N GLU C 64 26.32 11.55 10.16
CA GLU C 64 26.17 10.95 8.84
C GLU C 64 25.38 9.62 8.84
N PHE C 65 25.46 8.89 9.95
CA PHE C 65 24.95 7.51 10.00
C PHE C 65 23.98 7.36 11.15
N PHE C 66 22.81 6.82 10.86
CA PHE C 66 21.90 6.41 11.90
C PHE C 66 22.43 5.10 12.52
N LEU C 67 22.43 4.05 11.70
CA LEU C 67 23.04 2.77 12.03
C LEU C 67 23.59 2.25 10.69
N ALA C 68 24.90 2.02 10.65
CA ALA C 68 25.56 1.68 9.39
C ALA C 68 25.07 0.37 8.80
N HIS C 69 25.05 -0.65 9.64
CA HIS C 69 24.76 -2.04 9.29
C HIS C 69 25.38 -2.85 10.43
N VAL C 70 25.16 -4.15 10.43
CA VAL C 70 25.73 -5.03 11.44
C VAL C 70 27.26 -5.14 11.23
N ASP C 71 27.96 -5.21 12.36
CA ASP C 71 29.43 -5.33 12.39
C ASP C 71 29.87 -6.49 11.54
N MET C 72 30.69 -6.21 10.55
CA MET C 72 31.14 -7.25 9.62
C MET C 72 32.11 -8.21 10.32
N ARG C 73 32.65 -7.82 11.47
CA ARG C 73 33.47 -8.73 12.29
C ARG C 73 32.69 -9.48 13.39
N ILE C 74 31.38 -9.46 13.37
CA ILE C 74 30.62 -9.98 14.53
C ILE C 74 30.84 -11.50 14.74
N GLY C 75 31.14 -12.22 13.67
CA GLY C 75 31.44 -13.66 13.74
C GLY C 75 32.80 -14.04 14.31
N GLU C 76 33.70 -13.06 14.43
CA GLU C 76 35.05 -13.29 15.00
C GLU C 76 35.02 -13.52 16.52
N LYS C 77 33.95 -13.10 17.20
CA LYS C 77 33.82 -13.36 18.64
C LYS C 77 32.52 -14.11 18.89
N MET C 78 32.56 -15.41 18.56
CA MET C 78 31.34 -16.23 18.59
C MET C 78 30.68 -16.36 19.95
N ASP C 79 31.45 -16.27 21.02
CA ASP C 79 30.89 -16.38 22.37
C ASP C 79 29.88 -15.29 22.74
N ALA C 80 30.23 -14.03 22.48
CA ALA C 80 29.28 -12.92 22.62
C ALA C 80 28.03 -13.15 21.75
N LEU C 81 28.22 -13.56 20.49
CA LEU C 81 27.08 -13.79 19.59
C LEU C 81 26.27 -15.00 20.05
N GLN C 82 26.97 -16.03 20.55
CA GLN C 82 26.32 -17.23 21.09
C GLN C 82 25.36 -16.93 22.22
N GLU C 83 25.76 -16.09 23.17
CA GLU C 83 24.89 -15.70 24.28
C GLU C 83 23.64 -14.98 23.80
N LEU C 84 23.79 -14.06 22.85
CA LEU C 84 22.62 -13.42 22.27
C LEU C 84 21.74 -14.42 21.57
N ALA C 85 22.35 -15.36 20.84
CA ALA C 85 21.58 -16.32 20.04
C ALA C 85 20.80 -17.22 20.99
N ALA C 86 21.51 -17.72 22.02
CA ALA C 86 20.97 -18.68 22.96
C ALA C 86 19.69 -18.19 23.61
N SER C 87 19.56 -16.87 23.71
CA SER C 87 18.45 -16.22 24.39
C SER C 87 17.50 -15.41 23.47
N ALA C 88 17.61 -15.58 22.15
CA ALA C 88 16.62 -15.04 21.20
C ALA C 88 15.30 -15.78 21.34
N PRO C 89 14.19 -15.13 20.96
CA PRO C 89 12.91 -15.81 20.96
C PRO C 89 12.90 -17.04 20.06
N ALA C 90 12.09 -18.03 20.39
CA ALA C 90 11.86 -19.16 19.49
C ALA C 90 11.45 -18.66 18.08
N ASP C 91 11.99 -19.33 17.06
CA ASP C 91 11.66 -19.07 15.64
C ASP C 91 12.18 -17.71 15.14
N VAL C 92 13.07 -17.10 15.92
CA VAL C 92 13.65 -15.80 15.60
C VAL C 92 15.18 -15.89 15.73
N ASN C 93 15.90 -15.57 14.66
CA ASN C 93 17.36 -15.62 14.73
C ASN C 93 17.91 -14.41 15.48
N VAL C 94 19.21 -14.45 15.77
CA VAL C 94 19.80 -13.45 16.64
C VAL C 94 19.71 -12.01 16.08
N PHE C 95 19.73 -11.89 14.74
CA PHE C 95 19.68 -10.60 14.07
C PHE C 95 18.23 -10.10 14.00
N GLN C 96 17.33 -11.02 13.69
CA GLN C 96 15.89 -10.75 13.73
C GLN C 96 15.37 -10.36 15.09
N ALA C 97 16.03 -10.83 16.14
CA ALA C 97 15.64 -10.53 17.50
C ALA C 97 15.62 -9.02 17.82
N VAL C 98 16.47 -8.26 17.15
CA VAL C 98 16.51 -6.79 17.34
C VAL C 98 15.21 -6.13 16.83
N GLY C 99 14.89 -6.37 15.57
CA GLY C 99 13.66 -5.85 14.98
C GLY C 99 12.43 -6.34 15.69
N GLU C 100 12.42 -7.62 16.04
CA GLU C 100 11.27 -8.19 16.70
C GLU C 100 11.04 -7.62 18.09
N LEU C 101 12.11 -7.31 18.84
CA LEU C 101 11.93 -6.64 20.12
C LEU C 101 11.25 -5.29 19.90
N ILE C 102 11.73 -4.54 18.92
CA ILE C 102 11.17 -3.22 18.65
C ILE C 102 9.69 -3.35 18.22
N ARG C 103 9.40 -4.31 17.35
CA ARG C 103 8.04 -4.53 16.86
C ARG C 103 7.00 -4.84 17.96
N HIS C 104 7.42 -5.47 19.04
CA HIS C 104 6.50 -5.87 20.11
C HIS C 104 6.56 -4.98 21.36
N GLN C 105 7.28 -3.88 21.25
CA GLN C 105 7.46 -2.97 22.40
C GLN C 105 6.11 -2.38 22.77
N PRO C 106 5.85 -2.20 24.07
CA PRO C 106 4.53 -1.65 24.44
C PRO C 106 4.40 -0.15 24.19
N GLN C 107 5.49 0.58 24.42
CA GLN C 107 5.52 2.00 24.10
C GLN C 107 5.43 2.21 22.59
N VAL C 108 4.92 3.37 22.21
CA VAL C 108 5.03 3.87 20.86
C VAL C 108 6.49 4.09 20.51
N THR C 109 6.95 3.44 19.46
CA THR C 109 8.35 3.60 19.05
C THR C 109 8.43 4.45 17.78
N ILE C 110 9.32 5.43 17.83
CA ILE C 110 9.51 6.38 16.77
C ILE C 110 10.99 6.51 16.40
N VAL C 111 11.29 6.38 15.12
CA VAL C 111 12.63 6.57 14.59
C VAL C 111 12.72 7.93 13.90
N LYS C 112 13.72 8.72 14.30
CA LYS C 112 14.08 9.96 13.64
C LYS C 112 15.34 9.70 12.82
N LEU C 113 15.17 9.66 11.50
CA LEU C 113 16.24 9.29 10.57
C LEU C 113 16.74 10.52 9.81
N ALA C 114 17.93 11.00 10.19
CA ALA C 114 18.52 12.18 9.53
C ALA C 114 19.57 11.74 8.51
N GLY C 115 20.24 10.63 8.79
CA GLY C 115 21.37 10.18 7.97
C GLY C 115 21.13 8.85 7.29
N LYS C 116 22.21 8.10 7.10
CA LYS C 116 22.15 6.85 6.37
C LYS C 116 21.95 5.63 7.30
N ALA C 117 21.09 4.71 6.86
CA ALA C 117 20.92 3.44 7.54
C ALA C 117 20.93 2.33 6.50
N ARG C 118 21.80 1.34 6.66
CA ARG C 118 21.83 0.21 5.73
C ARG C 118 21.79 -1.15 6.46
N GLY C 119 21.33 -2.15 5.74
CA GLY C 119 21.35 -3.52 6.24
C GLY C 119 20.50 -3.61 7.47
N GLY C 120 21.08 -4.15 8.55
CA GLY C 120 20.36 -4.22 9.85
C GLY C 120 19.92 -2.87 10.38
N GLY C 121 20.59 -1.81 9.92
CA GLY C 121 20.20 -0.45 10.25
C GLY C 121 18.88 -0.08 9.62
N ALA C 122 18.70 -0.45 8.36
CA ALA C 122 17.41 -0.21 7.67
C ALA C 122 16.33 -1.11 8.26
N GLU C 123 16.69 -2.29 8.69
CA GLU C 123 15.72 -3.20 9.30
C GLU C 123 15.17 -2.60 10.61
N PHE C 124 16.07 -2.03 11.39
CA PHE C 124 15.74 -1.29 12.62
C PHE C 124 14.73 -0.17 12.31
N VAL C 125 15.03 0.65 11.31
CA VAL C 125 14.19 1.78 10.98
C VAL C 125 12.75 1.30 10.66
N ALA C 126 12.65 0.25 9.84
CA ALA C 126 11.38 -0.27 9.36
C ALA C 126 10.56 -0.96 10.47
N ALA C 127 11.23 -1.42 11.53
CA ALA C 127 10.59 -2.17 12.61
C ALA C 127 9.80 -1.29 13.62
N ALA C 128 10.20 -0.03 13.76
CA ALA C 128 9.55 0.90 14.64
C ALA C 128 8.08 1.15 14.20
N ASP C 129 7.27 1.55 15.15
CA ASP C 129 5.88 1.92 14.82
C ASP C 129 5.83 3.01 13.73
N MET C 130 6.69 4.03 13.86
CA MET C 130 6.73 5.09 12.87
C MET C 130 8.15 5.62 12.69
N ALA C 131 8.48 6.01 11.47
CA ALA C 131 9.78 6.51 11.08
C ALA C 131 9.60 7.77 10.27
N PHE C 132 10.29 8.84 10.69
CA PHE C 132 10.25 10.11 9.99
C PHE C 132 11.69 10.40 9.57
N ALA C 133 11.89 10.81 8.30
CA ALA C 133 13.24 11.00 7.73
C ALA C 133 13.44 12.40 7.11
N ALA C 134 14.68 12.87 7.16
CA ALA C 134 15.05 14.15 6.55
C ALA C 134 15.13 14.00 5.03
N ALA C 135 14.36 14.80 4.31
CA ALA C 135 14.29 14.69 2.83
C ALA C 135 15.65 14.85 2.17
N GLU C 136 16.43 15.82 2.64
CA GLU C 136 17.72 16.16 2.00
C GLU C 136 18.88 15.23 2.33
N THR C 137 18.83 14.52 3.44
CA THR C 137 20.02 13.90 3.98
C THR C 137 19.89 12.40 4.27
N ALA C 138 18.66 11.89 4.48
CA ALA C 138 18.52 10.52 4.94
C ALA C 138 18.65 9.56 3.77
N GLY C 139 19.03 8.33 4.08
CA GLY C 139 19.10 7.28 3.04
C GLY C 139 18.85 5.92 3.68
N LEU C 140 18.20 5.02 2.95
CA LEU C 140 17.89 3.67 3.42
C LEU C 140 18.32 2.69 2.34
N GLY C 141 19.08 1.67 2.70
CA GLY C 141 19.46 0.67 1.69
C GLY C 141 19.61 -0.71 2.35
N GLN C 142 19.31 -1.75 1.60
CA GLN C 142 19.66 -3.10 1.99
C GLN C 142 20.91 -3.50 1.20
N ILE C 143 22.06 -3.31 1.83
CA ILE C 143 23.36 -3.60 1.24
C ILE C 143 23.68 -5.10 1.07
N GLU C 144 22.89 -5.94 1.73
CA GLU C 144 23.23 -7.36 1.90
C GLU C 144 23.52 -8.08 0.58
N ALA C 145 22.76 -7.79 -0.47
CA ALA C 145 22.98 -8.51 -1.72
C ALA C 145 24.39 -8.31 -2.27
N LEU C 146 24.94 -7.13 -2.03
CA LEU C 146 26.30 -6.82 -2.50
C LEU C 146 27.39 -7.48 -1.66
N MET C 147 26.99 -8.05 -0.52
CA MET C 147 27.90 -8.82 0.29
C MET C 147 27.66 -10.33 0.05
N GLY C 148 26.88 -10.69 -0.98
CA GLY C 148 26.59 -12.09 -1.33
C GLY C 148 25.55 -12.77 -0.45
N ILE C 149 24.70 -11.96 0.22
CA ILE C 149 23.70 -12.51 1.13
C ILE C 149 22.35 -11.80 0.91
N ILE C 150 21.36 -12.13 1.72
CA ILE C 150 20.13 -11.34 1.75
C ILE C 150 19.93 -10.79 3.17
N PRO C 151 18.95 -9.87 3.35
CA PRO C 151 18.68 -9.44 4.71
C PRO C 151 18.30 -10.62 5.58
N GLY C 152 18.90 -10.67 6.77
CA GLY C 152 18.70 -11.77 7.70
C GLY C 152 18.19 -11.33 9.05
N GLY C 153 17.86 -10.06 9.17
CA GLY C 153 17.31 -9.48 10.41
C GLY C 153 15.87 -9.02 10.31
N GLY C 154 15.12 -9.61 9.38
CA GLY C 154 13.69 -9.31 9.23
C GLY C 154 13.37 -8.42 8.02
N GLY C 155 14.40 -7.82 7.42
CA GLY C 155 14.17 -6.80 6.39
C GLY C 155 13.38 -7.23 5.18
N THR C 156 13.54 -8.46 4.74
CA THR C 156 12.74 -8.94 3.62
C THR C 156 11.25 -8.90 3.98
N GLN C 157 10.92 -9.27 5.22
CA GLN C 157 9.52 -9.35 5.64
C GLN C 157 8.95 -7.98 6.03
N TYR C 158 9.78 -7.13 6.61
CA TYR C 158 9.34 -5.78 6.91
C TYR C 158 9.10 -5.02 5.61
N LEU C 159 9.99 -5.21 4.62
CA LEU C 159 9.77 -4.61 3.29
C LEU C 159 8.52 -5.18 2.64
N ARG C 160 8.38 -6.50 2.71
CA ARG C 160 7.21 -7.10 2.07
C ARG C 160 5.91 -6.49 2.62
N GLY C 161 5.84 -6.36 3.94
CA GLY C 161 4.64 -5.79 4.60
C GLY C 161 4.41 -4.32 4.30
N ARG C 162 5.49 -3.52 4.27
CA ARG C 162 5.37 -2.08 4.12
C ARG C 162 5.33 -1.57 2.69
N VAL C 163 6.08 -2.22 1.81
CA VAL C 163 6.20 -1.78 0.39
C VAL C 163 5.65 -2.74 -0.65
N GLY C 164 5.35 -3.98 -0.25
CA GLY C 164 4.86 -5.02 -1.16
C GLY C 164 6.01 -5.81 -1.72
N ARG C 165 5.74 -7.05 -2.13
CA ARG C 165 6.77 -7.91 -2.69
C ARG C 165 7.54 -7.34 -3.86
N ASN C 166 6.84 -6.68 -4.77
CA ASN C 166 7.47 -6.17 -5.99
C ASN C 166 8.58 -5.16 -5.65
N ARG C 167 8.24 -4.17 -4.83
CA ARG C 167 9.21 -3.19 -4.41
C ARG C 167 10.22 -3.77 -3.42
N ALA C 168 9.83 -4.79 -2.67
CA ALA C 168 10.78 -5.44 -1.73
C ALA C 168 11.91 -6.11 -2.50
N LEU C 169 11.54 -6.77 -3.59
CA LEU C 169 12.54 -7.42 -4.47
C LEU C 169 13.46 -6.38 -5.10
N GLU C 170 12.88 -5.28 -5.56
CA GLU C 170 13.64 -4.17 -6.12
C GLU C 170 14.66 -3.63 -5.10
N VAL C 171 14.20 -3.29 -3.90
CA VAL C 171 15.09 -2.80 -2.83
C VAL C 171 16.21 -3.80 -2.54
N VAL C 172 15.86 -5.07 -2.36
CA VAL C 172 16.84 -6.08 -1.93
C VAL C 172 17.86 -6.36 -3.04
N LEU C 173 17.39 -6.51 -4.27
CA LEU C 173 18.29 -6.94 -5.36
C LEU C 173 19.05 -5.79 -6.03
N THR C 174 18.47 -4.59 -6.12
CA THR C 174 19.26 -3.44 -6.59
C THR C 174 20.29 -3.00 -5.57
N ALA C 175 19.95 -3.17 -4.29
CA ALA C 175 20.78 -2.81 -3.18
C ALA C 175 21.24 -1.36 -3.23
N ASP C 176 20.44 -0.48 -3.83
CA ASP C 176 20.81 0.91 -3.90
C ASP C 176 20.37 1.64 -2.64
N LEU C 177 20.95 2.82 -2.45
CA LEU C 177 20.57 3.68 -1.33
C LEU C 177 19.38 4.52 -1.78
N PHE C 178 18.24 4.30 -1.12
CA PHE C 178 16.98 4.99 -1.43
C PHE C 178 16.94 6.27 -0.67
N ASP C 179 16.58 7.36 -1.37
CA ASP C 179 16.42 8.62 -0.68
C ASP C 179 15.12 8.62 0.13
N ALA C 180 14.95 9.61 0.99
CA ALA C 180 13.78 9.70 1.87
C ALA C 180 12.45 9.85 1.15
N GLU C 181 12.41 10.68 0.09
CA GLU C 181 11.18 10.86 -0.66
C GLU C 181 10.72 9.54 -1.28
N THR C 182 11.66 8.79 -1.85
CA THR C 182 11.33 7.49 -2.47
C THR C 182 10.92 6.46 -1.46
N ALA C 183 11.64 6.42 -0.33
CA ALA C 183 11.30 5.49 0.74
C ALA C 183 9.88 5.77 1.25
N ALA C 184 9.56 7.06 1.47
CA ALA C 184 8.22 7.42 1.92
C ALA C 184 7.16 7.06 0.87
N SER C 185 7.41 7.34 -0.40
CA SER C 185 6.44 7.01 -1.46
CA SER C 185 6.42 7.02 -1.44
C SER C 185 6.16 5.52 -1.48
N TYR C 186 7.21 4.73 -1.22
CA TYR C 186 7.09 3.27 -1.21
C TYR C 186 6.35 2.77 0.04
N GLY C 187 6.35 3.57 1.11
CA GLY C 187 5.80 3.13 2.41
C GLY C 187 6.81 2.53 3.37
N TRP C 188 8.09 2.60 3.02
CA TRP C 188 9.16 1.97 3.83
C TRP C 188 9.33 2.75 5.16
N ILE C 189 9.09 4.07 5.10
CA ILE C 189 8.98 4.98 6.27
C ILE C 189 7.63 5.70 6.18
N ASN C 190 7.26 6.37 7.26
CA ASN C 190 5.97 7.05 7.32
C ASN C 190 5.98 8.33 6.47
N ARG C 191 7.03 9.15 6.58
CA ARG C 191 7.04 10.46 5.97
C ARG C 191 8.47 10.98 5.82
N ALA C 192 8.71 11.73 4.73
CA ALA C 192 9.92 12.51 4.58
C ALA C 192 9.60 13.98 4.89
N LEU C 193 10.47 14.63 5.66
CA LEU C 193 10.25 16.01 6.10
C LEU C 193 11.51 16.83 5.84
N PRO C 194 11.36 18.15 5.68
CA PRO C 194 12.60 18.96 5.58
C PRO C 194 13.56 18.73 6.73
N ALA C 195 14.85 18.66 6.40
CA ALA C 195 15.88 18.34 7.38
C ALA C 195 15.87 19.32 8.56
N ASP C 196 15.59 20.59 8.28
CA ASP C 196 15.61 21.63 9.29
C ASP C 196 14.33 21.67 10.14
N GLU C 197 13.31 20.92 9.75
CA GLU C 197 12.08 20.79 10.52
C GLU C 197 11.91 19.45 11.25
N LEU C 198 12.70 18.45 10.90
CA LEU C 198 12.51 17.08 11.38
C LEU C 198 12.58 16.98 12.89
N ASP C 199 13.54 17.67 13.51
CA ASP C 199 13.71 17.54 14.97
C ASP C 199 12.47 18.07 15.73
N GLU C 200 12.00 19.26 15.37
CA GLU C 200 10.80 19.81 16.01
C GLU C 200 9.54 19.00 15.69
N TYR C 201 9.49 18.45 14.47
CA TYR C 201 8.35 17.63 14.06
C TYR C 201 8.21 16.39 14.95
N VAL C 202 9.33 15.66 15.09
CA VAL C 202 9.34 14.46 15.91
C VAL C 202 9.10 14.75 17.40
N ASP C 203 9.68 15.84 17.92
CA ASP C 203 9.46 16.22 19.32
CA ASP C 203 9.46 16.19 19.32
C ASP C 203 7.99 16.50 19.56
N ARG C 204 7.34 17.15 18.60
CA ARG C 204 5.91 17.48 18.71
C ARG C 204 5.06 16.20 18.73
N VAL C 205 5.31 15.29 17.80
CA VAL C 205 4.60 14.01 17.75
C VAL C 205 4.78 13.22 19.07
N ALA C 206 6.02 13.13 19.56
CA ALA C 206 6.33 12.39 20.77
C ALA C 206 5.58 13.00 21.96
N ARG C 207 5.62 14.33 22.06
CA ARG C 207 4.99 15.04 23.17
C ARG C 207 3.47 14.85 23.11
N ASN C 208 2.93 14.98 21.91
CA ASN C 208 1.49 14.86 21.72
C ASN C 208 0.97 13.46 22.05
N ILE C 209 1.71 12.43 21.67
CA ILE C 209 1.35 11.06 21.96
C ILE C 209 1.50 10.77 23.45
N ALA C 210 2.60 11.26 24.06
CA ALA C 210 2.80 11.10 25.50
C ALA C 210 1.70 11.79 26.33
N ALA C 211 1.10 12.87 25.81
CA ALA C 211 0.03 13.60 26.53
C ALA C 211 -1.34 12.93 26.45
N LEU C 212 -1.49 11.92 25.60
CA LEU C 212 -2.77 11.23 25.47
C LEU C 212 -3.19 10.61 26.81
N PRO C 213 -4.51 10.59 27.08
CA PRO C 213 -5.00 10.01 28.33
C PRO C 213 -4.60 8.53 28.54
N ASP C 214 -4.60 8.15 29.80
CA ASP C 214 -4.45 6.76 30.23
C ASP C 214 -5.15 5.76 29.33
N GLY C 215 -4.43 4.72 28.91
CA GLY C 215 -5.04 3.60 28.20
C GLY C 215 -5.21 3.74 26.69
N VAL C 216 -5.05 4.93 26.15
CA VAL C 216 -5.27 5.13 24.71
C VAL C 216 -4.23 4.42 23.85
N ILE C 217 -2.95 4.59 24.19
CA ILE C 217 -1.88 3.92 23.46
C ILE C 217 -2.09 2.42 23.49
N GLU C 218 -2.37 1.92 24.69
CA GLU C 218 -2.57 0.49 24.88
C GLU C 218 -3.74 -0.03 24.03
N ALA C 219 -4.83 0.73 24.01
CA ALA C 219 -5.99 0.38 23.19
C ALA C 219 -5.69 0.39 21.68
N ALA C 220 -4.93 1.40 21.24
CA ALA C 220 -4.54 1.51 19.82
C ALA C 220 -3.72 0.30 19.42
N LYS C 221 -2.72 -0.08 20.23
CA LYS C 221 -1.89 -1.24 19.93
C LYS C 221 -2.65 -2.57 19.97
N ARG C 222 -3.63 -2.67 20.87
CA ARG C 222 -4.51 -3.82 20.99
C ARG C 222 -5.36 -3.93 19.74
N SER C 223 -5.79 -2.79 19.18
CA SER C 223 -6.65 -2.80 18.00
C SER C 223 -5.87 -3.02 16.71
N LEU C 224 -4.58 -2.70 16.75
CA LEU C 224 -3.65 -2.80 15.63
C LEU C 224 -2.44 -3.65 16.04
N PRO C 225 -2.69 -4.94 16.28
CA PRO C 225 -1.61 -5.76 16.76
C PRO C 225 -0.53 -5.96 15.69
N ALA C 226 0.69 -6.22 16.17
CA ALA C 226 1.80 -6.53 15.30
C ALA C 226 1.47 -7.64 14.30
N ASP C 227 1.90 -7.45 13.06
CA ASP C 227 1.73 -8.44 11.99
C ASP C 227 2.29 -9.80 12.43
N ASP C 228 1.64 -10.87 11.98
CA ASP C 228 2.15 -12.21 12.14
C ASP C 228 3.17 -12.45 11.02
N LEU C 229 4.45 -12.53 11.39
CA LEU C 229 5.52 -12.74 10.39
C LEU C 229 6.31 -14.04 10.63
N LYS C 230 5.77 -14.94 11.45
CA LYS C 230 6.48 -16.13 11.88
C LYS C 230 7.05 -16.96 10.72
N GLU C 231 6.22 -17.33 9.77
CA GLU C 231 6.68 -18.18 8.66
C GLU C 231 7.61 -17.46 7.72
N GLY C 232 7.33 -16.17 7.48
CA GLY C 232 8.22 -15.36 6.65
C GLY C 232 9.63 -15.24 7.24
N LEU C 233 9.71 -15.03 8.55
CA LEU C 233 11.00 -14.86 9.21
C LEU C 233 11.81 -16.16 9.19
N LEU C 234 11.11 -17.28 9.32
CA LEU C 234 11.78 -18.59 9.30
C LEU C 234 12.36 -18.87 7.91
N GLY C 235 11.59 -18.53 6.89
CA GLY C 235 12.04 -18.64 5.52
C GLY C 235 13.23 -17.76 5.19
N GLU C 236 13.18 -16.53 5.70
CA GLU C 236 14.27 -15.57 5.52
C GLU C 236 15.54 -16.09 6.20
N ASN C 237 15.41 -16.60 7.42
CA ASN C 237 16.58 -17.16 8.07
C ASN C 237 17.31 -18.24 7.24
N ASP C 238 16.56 -19.17 6.71
CA ASP C 238 17.17 -20.28 5.96
C ASP C 238 17.82 -19.80 4.67
N ALA C 239 17.18 -18.84 3.98
CA ALA C 239 17.75 -18.24 2.79
C ALA C 239 19.05 -17.46 3.08
N TRP C 240 19.03 -16.67 4.16
CA TRP C 240 20.19 -15.93 4.62
C TRP C 240 21.33 -16.87 5.07
N ALA C 241 20.98 -17.83 5.92
CA ALA C 241 22.00 -18.73 6.49
C ALA C 241 22.74 -19.47 5.39
N ALA C 242 22.01 -19.93 4.38
CA ALA C 242 22.62 -20.68 3.26
C ALA C 242 23.56 -19.84 2.40
N THR C 243 23.21 -18.58 2.14
CA THR C 243 24.05 -17.71 1.33
C THR C 243 25.29 -17.27 2.11
N PHE C 244 25.11 -16.98 3.40
CA PHE C 244 26.17 -16.47 4.26
C PHE C 244 27.26 -17.54 4.44
N SER C 245 26.86 -18.81 4.40
CA SER C 245 27.77 -19.95 4.59
C SER C 245 28.79 -20.14 3.44
N LEU C 246 28.56 -19.50 2.31
CA LEU C 246 29.40 -19.74 1.13
C LEU C 246 30.66 -18.88 1.16
N PRO C 247 31.78 -19.42 0.64
CA PRO C 247 33.03 -18.67 0.48
C PRO C 247 32.92 -17.31 -0.19
N ALA C 248 32.09 -17.22 -1.22
CA ALA C 248 31.89 -15.98 -1.95
C ALA C 248 31.45 -14.84 -1.04
N ALA C 249 30.52 -15.12 -0.12
CA ALA C 249 30.07 -14.14 0.89
C ALA C 249 31.21 -13.74 1.84
N GLN C 250 31.92 -14.74 2.34
CA GLN C 250 33.03 -14.49 3.23
C GLN C 250 34.17 -13.65 2.59
N GLN C 251 34.45 -13.88 1.31
CA GLN C 251 35.47 -13.07 0.61
C GLN C 251 35.03 -11.62 0.35
N LEU C 252 33.77 -11.43 -0.01
CA LEU C 252 33.22 -10.09 -0.20
C LEU C 252 33.29 -9.30 1.07
N ILE C 253 32.92 -9.91 2.20
CA ILE C 253 32.91 -9.21 3.48
C ILE C 253 34.38 -8.87 3.89
N SER C 254 35.25 -9.86 3.78
CA SER C 254 36.69 -9.63 4.00
C SER C 254 37.27 -8.53 3.13
N GLY C 255 36.99 -8.55 1.84
CA GLY C 255 37.41 -7.49 0.95
C GLY C 255 36.85 -6.11 1.26
N GLY C 256 35.60 -6.07 1.71
CA GLY C 256 34.99 -4.81 2.09
C GLY C 256 35.73 -4.17 3.23
N LEU C 257 36.06 -4.97 4.24
CA LEU C 257 36.82 -4.46 5.42
C LEU C 257 38.20 -3.99 4.98
N LYS C 258 38.82 -4.75 4.06
CA LYS C 258 40.16 -4.40 3.52
C LYS C 258 40.14 -3.05 2.81
N ASP C 259 39.06 -2.77 2.09
CA ASP C 259 38.90 -1.58 1.31
C ASP C 259 38.26 -0.40 2.05
N GLY C 260 38.04 -0.52 3.35
CA GLY C 260 37.65 0.62 4.17
C GLY C 260 36.22 0.61 4.69
N ALA C 261 35.50 -0.51 4.55
CA ALA C 261 34.19 -0.63 5.19
C ALA C 261 34.32 -0.38 6.70
N GLN C 262 33.29 0.22 7.26
CA GLN C 262 33.25 0.57 8.69
C GLN C 262 34.16 1.74 9.07
N THR C 263 34.56 2.50 8.07
CA THR C 263 35.15 3.79 8.26
C THR C 263 34.24 4.80 7.62
N PRO C 264 34.27 6.05 8.10
CA PRO C 264 33.37 7.04 7.50
C PRO C 264 33.55 7.18 5.99
N ALA C 265 34.79 7.13 5.49
CA ALA C 265 35.03 7.35 4.07
C ALA C 265 34.49 6.17 3.25
N GLY C 266 34.67 4.96 3.76
CA GLY C 266 34.20 3.76 3.07
C GLY C 266 32.68 3.62 3.12
N GLU C 267 32.08 4.10 4.21
CA GLU C 267 30.66 3.92 4.41
C GLU C 267 29.82 4.93 3.65
N ARG C 268 30.35 6.13 3.38
CA ARG C 268 29.55 7.16 2.67
C ARG C 268 28.89 6.58 1.38
N ASP C 269 29.70 5.92 0.56
CA ASP C 269 29.21 5.21 -0.63
C ASP C 269 29.52 3.73 -0.53
N LEU C 270 28.88 3.07 0.44
CA LEU C 270 29.12 1.63 0.64
C LEU C 270 28.74 0.80 -0.57
N GLU C 271 27.72 1.22 -1.30
CA GLU C 271 27.29 0.47 -2.45
C GLU C 271 28.42 0.41 -3.48
N GLY C 272 29.03 1.57 -3.77
CA GLY C 272 30.13 1.64 -4.73
C GLY C 272 31.34 0.86 -4.26
N LEU C 273 31.65 1.00 -2.97
CA LEU C 273 32.74 0.26 -2.34
CA LEU C 273 32.75 0.26 -2.35
C LEU C 273 32.55 -1.25 -2.55
N MET C 274 31.36 -1.76 -2.22
CA MET C 274 31.13 -3.20 -2.32
C MET C 274 31.11 -3.70 -3.79
N ARG C 275 30.63 -2.87 -4.71
CA ARG C 275 30.65 -3.24 -6.14
C ARG C 275 32.10 -3.31 -6.66
N SER C 276 32.97 -2.45 -6.13
CA SER C 276 34.38 -2.47 -6.47
C SER C 276 35.11 -3.71 -5.94
N VAL C 277 34.75 -4.16 -4.74
CA VAL C 277 35.32 -5.37 -4.16
C VAL C 277 35.00 -6.56 -5.07
N ALA C 278 33.75 -6.69 -5.48
CA ALA C 278 33.32 -7.80 -6.32
C ALA C 278 34.06 -7.74 -7.67
N ARG C 279 34.11 -6.57 -8.31
CA ARG C 279 34.85 -6.42 -9.58
C ARG C 279 36.31 -6.82 -9.41
N GLU C 280 36.95 -6.34 -8.34
CA GLU C 280 38.25 -6.87 -7.91
C GLU C 280 37.97 -8.23 -7.31
C1 GOL D . -13.05 -0.02 2.87
O1 GOL D . -13.13 1.00 1.90
C2 GOL D . -11.64 -0.17 3.44
O2 GOL D . -10.72 -0.53 2.44
C3 GOL D . -11.64 -1.24 4.50
O3 GOL D . -11.87 -2.52 3.95
C1 GOL E . 2.71 -9.72 -9.06
O1 GOL E . 3.72 -8.91 -9.59
C2 GOL E . 1.71 -8.91 -8.23
O2 GOL E . 2.30 -8.32 -7.08
C3 GOL E . 0.57 -9.81 -7.80
O3 GOL E . 1.03 -10.96 -7.11
C1 GOL F . 6.51 -4.95 9.57
O1 GOL F . 5.65 -5.53 10.55
C2 GOL F . 6.67 -3.47 9.86
O2 GOL F . 5.48 -2.82 9.44
C3 GOL F . 6.91 -3.19 11.35
O3 GOL F . 7.09 -1.84 11.65
#